data_2ZHM
#
_entry.id   2ZHM
#
_cell.length_a   35.217
_cell.length_b   67.964
_cell.length_c   219.964
_cell.angle_alpha   90.00
_cell.angle_beta   90.00
_cell.angle_gamma   90.00
#
_symmetry.space_group_name_H-M   'P 21 21 21'
#
loop_
_entity.id
_entity.type
_entity.pdbx_description
1 polymer Galectin-9
2 branched beta-D-galactopyranose-(1-4)-2-acetamido-2-deoxy-beta-D-glucopyranose-(1-3)-beta-D-galactopyranose-(1-4)-2-acetamido-2-deoxy-beta-D-glucopyranose-(1-3)-beta-D-galactopyranose-(1-4)-2-acetamido-2-deoxy-beta-D-glucopyranose
3 branched beta-D-galactopyranose-(1-4)-2-acetamido-2-deoxy-beta-D-glucopyranose-(1-3)-beta-D-galactopyranose-(1-4)-2-acetamido-2-deoxy-beta-D-glucopyranose-(1-3)-beta-D-galactopyranose
4 branched beta-D-galactopyranose-(1-4)-2-acetamido-2-deoxy-beta-D-glucopyranose-(1-3)-beta-D-galactopyranose-(1-4)-2-acetamido-2-deoxy-beta-D-glucopyranose
5 non-polymer (R)-1-PARA-NITRO-PHENYL-2-AZIDO-ETHANOL
6 water water
#
_entity_poly.entity_id   1
_entity_poly.type   'polypeptide(L)'
_entity_poly.pdbx_seq_one_letter_code
;MAFSGSQAPYLSPAVPFSGTIQGGLQDGLQITVNGTVLSSSGTRFAVNFQTGFSGNDIAFHFNPRFEDGGYVVCNTRQNG
SWGPEERKTHMPFQKGMPFDLCFLVQSSDFKVMVNGILFVQYFHRVPFHRVDTISVNGSVQLSYISFQ
;
_entity_poly.pdbx_strand_id   A,B,C,D
#
loop_
_chem_comp.id
_chem_comp.type
_chem_comp.name
_chem_comp.formula
GAL D-saccharide, beta linking beta-D-galactopyranose 'C6 H12 O6'
NAG D-saccharide, beta linking 2-acetamido-2-deoxy-beta-D-glucopyranose 'C8 H15 N O6'
RPN non-polymer (R)-1-PARA-NITRO-PHENYL-2-AZIDO-ETHANOL 'C8 H8 N4 O3'
#
# COMPACT_ATOMS: atom_id res chain seq x y z
N SER A 6 -5.85 13.62 -5.43
CA SER A 6 -5.63 13.40 -3.97
C SER A 6 -5.03 12.03 -3.71
N GLN A 7 -3.77 12.01 -3.28
CA GLN A 7 -3.09 10.76 -2.92
C GLN A 7 -3.64 10.19 -1.61
N ALA A 8 -3.72 8.85 -1.54
CA ALA A 8 -4.17 8.14 -0.34
C ALA A 8 -3.17 8.34 0.81
N PRO A 9 -3.68 8.45 2.04
CA PRO A 9 -2.72 8.60 3.13
C PRO A 9 -1.93 7.32 3.42
N TYR A 10 -0.70 7.45 3.93
CA TYR A 10 -0.01 6.31 4.51
C TYR A 10 -0.48 6.16 5.95
N LEU A 11 -1.09 5.03 6.28
CA LEU A 11 -1.61 4.81 7.62
C LEU A 11 -0.65 3.93 8.38
N SER A 12 -0.34 4.33 9.61
CA SER A 12 0.60 3.64 10.49
C SER A 12 1.84 3.10 9.76
N PRO A 13 2.56 3.97 9.01
CA PRO A 13 3.76 3.46 8.33
C PRO A 13 4.88 3.22 9.36
N ALA A 14 5.63 2.15 9.16
CA ALA A 14 6.73 1.82 10.05
C ALA A 14 7.91 2.75 9.79
N VAL A 15 8.57 3.15 10.87
CA VAL A 15 9.80 3.95 10.83
C VAL A 15 11.01 3.02 11.03
N PRO A 16 12.08 3.16 10.22
CA PRO A 16 12.22 4.17 9.13
C PRO A 16 11.29 3.94 7.94
N PHE A 17 10.76 5.03 7.41
CA PHE A 17 9.78 4.99 6.32
C PHE A 17 10.26 5.82 5.16
N SER A 18 9.99 5.34 3.94
CA SER A 18 10.20 6.14 2.73
C SER A 18 9.03 5.88 1.79
N GLY A 19 8.43 6.94 1.28
CA GLY A 19 7.18 6.83 0.54
C GLY A 19 7.10 7.84 -0.58
N THR A 20 6.51 7.42 -1.69
CA THR A 20 6.37 8.31 -2.84
C THR A 20 5.34 9.40 -2.61
N ILE A 21 5.66 10.60 -3.10
CA ILE A 21 4.72 11.70 -3.16
C ILE A 21 4.22 11.76 -4.60
N GLN A 22 2.98 11.32 -4.83
CA GLN A 22 2.42 11.20 -6.18
C GLN A 22 2.34 12.57 -6.84
N GLY A 23 3.04 12.71 -7.96
CA GLY A 23 3.08 13.97 -8.72
C GLY A 23 4.16 14.94 -8.25
N GLY A 24 4.89 14.55 -7.20
CA GLY A 24 5.94 15.37 -6.63
C GLY A 24 5.41 16.59 -5.86
N LEU A 25 6.33 17.34 -5.24
CA LEU A 25 5.93 18.59 -4.57
C LEU A 25 5.42 19.57 -5.60
N GLN A 26 4.30 20.21 -5.27
CA GLN A 26 3.67 21.22 -6.10
C GLN A 26 3.40 22.43 -5.22
N ASP A 27 3.50 23.62 -5.80
CA ASP A 27 3.19 24.85 -5.07
C ASP A 27 1.77 24.72 -4.53
N GLY A 28 1.61 24.86 -3.22
CA GLY A 28 0.29 24.73 -2.59
C GLY A 28 -0.02 23.37 -1.98
N LEU A 29 0.84 22.38 -2.23
CA LEU A 29 0.66 21.06 -1.62
C LEU A 29 0.87 21.16 -0.10
N GLN A 30 0.00 20.50 0.66
CA GLN A 30 0.12 20.44 2.11
C GLN A 30 0.31 18.98 2.51
N ILE A 31 1.42 18.70 3.20
CA ILE A 31 1.72 17.34 3.68
C ILE A 31 1.62 17.34 5.21
N THR A 32 0.81 16.44 5.75
CA THR A 32 0.63 16.31 7.20
C THR A 32 1.30 15.03 7.70
N VAL A 33 2.10 15.17 8.75
CA VAL A 33 2.73 14.05 9.43
C VAL A 33 2.13 14.06 10.85
N ASN A 34 1.33 13.06 11.16
CA ASN A 34 0.71 12.92 12.48
C ASN A 34 1.33 11.71 13.17
N GLY A 35 1.80 11.92 14.40
CA GLY A 35 2.53 10.85 15.08
C GLY A 35 2.80 11.16 16.53
N THR A 36 3.76 10.42 17.11
CA THR A 36 4.11 10.56 18.52
C THR A 36 5.61 10.49 18.61
N VAL A 37 6.18 11.44 19.34
CA VAL A 37 7.60 11.37 19.62
C VAL A 37 7.75 10.32 20.72
N LEU A 38 8.64 9.36 20.52
CA LEU A 38 8.82 8.31 21.51
C LEU A 38 9.45 8.88 22.80
N SER A 39 9.10 8.29 23.95
CA SER A 39 9.57 8.80 25.25
C SER A 39 11.04 8.53 25.49
N SER A 40 11.50 7.33 25.14
CA SER A 40 12.86 6.92 25.52
C SER A 40 13.44 5.99 24.47
N SER A 41 13.34 6.42 23.22
CA SER A 41 13.86 5.67 22.09
C SER A 41 14.76 6.57 21.25
N GLY A 42 15.66 7.29 21.92
CA GLY A 42 16.62 8.16 21.24
C GLY A 42 16.26 9.63 21.38
N THR A 43 17.08 10.49 20.79
CA THR A 43 16.95 11.93 21.05
C THR A 43 16.74 12.77 19.79
N ARG A 44 16.49 12.13 18.65
CA ARG A 44 16.29 12.90 17.40
C ARG A 44 15.36 12.19 16.46
N PHE A 45 14.67 12.95 15.61
CA PHE A 45 13.96 12.38 14.45
C PHE A 45 14.09 13.30 13.25
N ALA A 46 13.80 12.81 12.04
CA ALA A 46 13.84 13.69 10.88
C ALA A 46 12.71 13.39 9.90
N VAL A 47 12.19 14.43 9.26
CA VAL A 47 11.33 14.27 8.11
C VAL A 47 12.14 14.82 6.94
N ASN A 48 12.25 14.03 5.88
CA ASN A 48 13.09 14.40 4.74
C ASN A 48 12.25 14.47 3.47
N PHE A 49 12.33 15.57 2.74
CA PHE A 49 11.70 15.68 1.43
C PHE A 49 12.84 15.58 0.41
N GLN A 50 12.82 14.51 -0.37
CA GLN A 50 14.01 14.12 -1.11
C GLN A 50 13.65 13.66 -2.54
N THR A 51 14.69 13.55 -3.35
CA THR A 51 14.55 13.09 -4.73
C THR A 51 14.94 11.63 -4.74
N GLY A 52 13.92 10.80 -4.90
CA GLY A 52 14.10 9.33 -4.96
C GLY A 52 14.40 8.75 -3.59
N PHE A 53 14.83 7.49 -3.59
CA PHE A 53 14.95 6.70 -2.35
C PHE A 53 16.31 6.67 -1.68
N SER A 54 17.35 7.20 -2.34
CA SER A 54 18.71 7.13 -1.78
C SER A 54 18.88 8.02 -0.55
N GLY A 55 18.28 9.21 -0.57
CA GLY A 55 18.48 10.17 0.53
C GLY A 55 19.79 10.95 0.46
N ASN A 56 20.48 10.85 -0.69
CA ASN A 56 21.64 11.69 -0.96
C ASN A 56 21.24 13.08 -1.41
N ASP A 57 20.00 13.22 -1.85
CA ASP A 57 19.51 14.49 -2.31
C ASP A 57 18.24 14.82 -1.55
N ILE A 58 18.43 15.51 -0.42
CA ILE A 58 17.32 15.93 0.42
C ILE A 58 17.12 17.45 0.31
N ALA A 59 16.01 17.86 -0.32
CA ALA A 59 15.70 19.29 -0.51
C ALA A 59 15.47 19.98 0.82
N PHE A 60 14.83 19.26 1.74
CA PHE A 60 14.49 19.81 3.06
C PHE A 60 14.53 18.70 4.10
N HIS A 61 15.50 18.80 5.00
CA HIS A 61 15.69 17.94 6.15
C HIS A 61 15.18 18.76 7.35
N PHE A 62 14.16 18.21 8.03
CA PHE A 62 13.55 18.84 9.21
C PHE A 62 13.79 17.89 10.39
N ASN A 63 14.65 18.32 11.32
CA ASN A 63 15.36 17.43 12.24
C ASN A 63 15.33 17.95 13.69
N PRO A 64 14.23 17.68 14.41
CA PRO A 64 14.19 18.04 15.86
C PRO A 64 15.18 17.20 16.66
N ARG A 65 15.89 17.85 17.58
CA ARG A 65 16.87 17.18 18.42
C ARG A 65 16.61 17.56 19.88
N PHE A 66 16.36 16.55 20.71
CA PHE A 66 16.12 16.72 22.14
C PHE A 66 17.46 16.60 22.83
N GLU A 67 18.30 17.59 22.55
CA GLU A 67 19.72 17.60 22.90
C GLU A 67 20.11 19.05 23.09
N ASP A 68 21.03 19.28 24.01
CA ASP A 68 21.61 20.62 24.19
C ASP A 68 20.52 21.68 24.38
N GLY A 69 19.48 21.31 25.13
CA GLY A 69 18.38 22.21 25.44
C GLY A 69 17.19 22.15 24.51
N GLY A 70 17.33 21.44 23.39
CA GLY A 70 16.21 21.30 22.46
C GLY A 70 16.32 22.30 21.34
N TYR A 71 16.44 21.79 20.12
CA TYR A 71 16.48 22.66 18.96
C TYR A 71 16.10 21.85 17.72
N VAL A 72 15.90 22.53 16.62
CA VAL A 72 15.50 21.87 15.36
C VAL A 72 16.46 22.32 14.28
N VAL A 73 17.01 21.35 13.55
CA VAL A 73 17.91 21.65 12.45
C VAL A 73 17.12 21.57 11.16
N CYS A 74 17.29 22.57 10.30
CA CYS A 74 16.74 22.55 8.95
C CYS A 74 17.94 22.62 7.99
N ASN A 75 17.97 21.78 6.98
CA ASN A 75 19.13 21.76 6.09
C ASN A 75 18.77 21.07 4.77
N THR A 76 19.73 21.09 3.86
CA THR A 76 19.56 20.50 2.53
C THR A 76 20.78 19.65 2.28
N ARG A 77 20.56 18.46 1.71
CA ARG A 77 21.67 17.60 1.32
C ARG A 77 21.68 17.52 -0.20
N GLN A 78 22.84 17.74 -0.80
CA GLN A 78 22.95 17.76 -2.26
C GLN A 78 24.13 16.90 -2.64
N ASN A 79 23.88 15.89 -3.47
CA ASN A 79 24.94 14.98 -3.87
C ASN A 79 25.69 14.39 -2.68
N GLY A 80 24.97 14.11 -1.59
CA GLY A 80 25.57 13.56 -0.39
C GLY A 80 26.18 14.56 0.59
N SER A 81 26.25 15.83 0.21
CA SER A 81 26.87 16.86 1.08
C SER A 81 25.84 17.75 1.78
N TRP A 82 25.97 17.87 3.10
CA TRP A 82 25.13 18.78 3.88
C TRP A 82 25.55 20.22 3.71
N GLY A 83 24.58 21.12 3.58
CA GLY A 83 24.83 22.55 3.49
C GLY A 83 24.90 23.17 4.88
N PRO A 84 24.85 24.51 4.97
CA PRO A 84 24.86 25.19 6.27
C PRO A 84 23.53 24.98 7.02
N GLU A 85 23.59 24.58 8.28
CA GLU A 85 22.38 24.35 9.05
C GLU A 85 21.69 25.63 9.44
N GLU A 86 20.35 25.60 9.40
CA GLU A 86 19.56 26.66 10.01
C GLU A 86 18.91 26.08 11.27
N ARG A 87 19.32 26.55 12.44
CA ARG A 87 18.81 25.96 13.69
C ARG A 87 17.82 26.91 14.35
N LYS A 88 16.66 26.35 14.70
CA LYS A 88 15.67 27.07 15.47
C LYS A 88 15.85 26.57 16.91
N THR A 89 16.19 27.48 17.82
CA THR A 89 16.56 27.06 19.17
C THR A 89 15.30 26.91 20.04
N HIS A 90 14.21 26.55 19.39
CA HIS A 90 12.96 26.21 20.06
C HIS A 90 12.57 24.78 19.67
N MET A 91 12.06 24.05 20.65
CA MET A 91 11.60 22.68 20.48
C MET A 91 10.09 22.63 20.72
N PRO A 92 9.29 22.55 19.64
CA PRO A 92 7.81 22.55 19.73
C PRO A 92 7.23 21.15 19.99
N PHE A 93 8.09 20.14 19.98
CA PHE A 93 7.73 18.76 20.26
C PHE A 93 8.13 18.43 21.70
N GLN A 94 7.61 17.31 22.19
CA GLN A 94 7.88 16.86 23.54
C GLN A 94 7.95 15.35 23.53
N LYS A 95 8.98 14.81 24.17
CA LYS A 95 9.12 13.36 24.24
C LYS A 95 7.87 12.72 24.85
N GLY A 96 7.35 11.70 24.17
CA GLY A 96 6.16 10.99 24.63
C GLY A 96 4.84 11.60 24.21
N MET A 97 4.90 12.74 23.51
CA MET A 97 3.68 13.46 23.18
C MET A 97 3.32 13.37 21.70
N PRO A 98 2.01 13.28 21.41
CA PRO A 98 1.53 13.30 20.03
C PRO A 98 1.73 14.66 19.38
N PHE A 99 1.86 14.69 18.06
CA PHE A 99 2.00 15.96 17.34
C PHE A 99 1.29 15.90 16.01
N ASP A 100 0.96 17.07 15.51
CA ASP A 100 0.57 17.27 14.12
C ASP A 100 1.57 18.24 13.51
N LEU A 101 2.22 17.77 12.46
CA LEU A 101 3.25 18.50 11.79
C LEU A 101 2.74 18.71 10.36
N CYS A 102 2.64 19.96 9.94
CA CYS A 102 2.13 20.25 8.60
C CYS A 102 3.15 21.03 7.81
N PHE A 103 3.40 20.60 6.59
CA PHE A 103 4.32 21.27 5.69
C PHE A 103 3.51 21.85 4.54
N LEU A 104 3.66 23.14 4.28
CA LEU A 104 3.01 23.76 3.12
C LEU A 104 4.09 24.15 2.14
N VAL A 105 3.99 23.63 0.92
CA VAL A 105 4.92 24.00 -0.13
C VAL A 105 4.48 25.32 -0.77
N GLN A 106 5.36 26.32 -0.76
CA GLN A 106 5.07 27.60 -1.42
C GLN A 106 6.13 27.85 -2.48
N SER A 107 5.96 28.90 -3.31
CA SER A 107 6.93 29.19 -4.39
C SER A 107 8.37 29.40 -3.93
N SER A 108 8.55 30.06 -2.79
CA SER A 108 9.88 30.44 -2.37
C SER A 108 10.37 29.65 -1.16
N ASP A 109 9.45 28.98 -0.46
CA ASP A 109 9.76 28.37 0.81
C ASP A 109 8.76 27.26 1.22
N PHE A 110 9.15 26.50 2.26
CA PHE A 110 8.25 25.59 2.95
C PHE A 110 7.83 26.35 4.20
N LYS A 111 6.54 26.29 4.52
CA LYS A 111 6.04 26.75 5.81
C LYS A 111 5.75 25.51 6.65
N VAL A 112 6.14 25.53 7.92
CA VAL A 112 5.99 24.35 8.77
C VAL A 112 5.18 24.77 9.98
N MET A 113 4.04 24.12 10.18
CA MET A 113 3.21 24.35 11.37
C MET A 113 3.35 23.13 12.26
N VAL A 114 3.40 23.36 13.56
CA VAL A 114 3.41 22.25 14.53
C VAL A 114 2.25 22.51 15.49
N ASN A 115 1.37 21.52 15.63
CA ASN A 115 0.19 21.65 16.52
C ASN A 115 -0.64 22.93 16.32
N GLY A 116 -0.88 23.28 15.06
CA GLY A 116 -1.71 24.41 14.70
C GLY A 116 -1.07 25.78 14.71
N ILE A 117 0.23 25.85 14.98
CA ILE A 117 0.95 27.09 15.08
C ILE A 117 2.14 27.10 14.12
N LEU A 118 2.28 28.17 13.34
CA LEU A 118 3.40 28.28 12.43
C LEU A 118 4.73 28.25 13.20
N PHE A 119 5.62 27.35 12.82
CA PHE A 119 6.85 27.11 13.58
C PHE A 119 8.10 27.70 12.93
N VAL A 120 8.33 27.38 11.65
CA VAL A 120 9.50 27.89 10.96
C VAL A 120 9.18 27.96 9.44
N GLN A 121 9.90 28.81 8.70
CA GLN A 121 9.90 28.71 7.23
C GLN A 121 11.30 28.33 6.81
N TYR A 122 11.38 27.65 5.66
CA TYR A 122 12.64 27.25 5.11
C TYR A 122 12.64 27.57 3.64
N PHE A 123 13.49 28.52 3.24
CA PHE A 123 13.53 28.94 1.84
C PHE A 123 14.18 27.87 0.97
N HIS A 124 13.61 27.64 -0.21
CA HIS A 124 14.15 26.61 -1.12
C HIS A 124 15.61 26.89 -1.46
N ARG A 125 16.43 25.85 -1.37
CA ARG A 125 17.83 25.88 -1.85
C ARG A 125 18.02 25.13 -3.17
N VAL A 126 17.09 24.24 -3.46
CA VAL A 126 17.03 23.46 -4.70
C VAL A 126 15.58 23.47 -5.21
N PRO A 127 15.37 23.26 -6.53
CA PRO A 127 14.01 23.25 -7.08
C PRO A 127 13.15 22.21 -6.35
N PHE A 128 12.00 22.63 -5.84
CA PHE A 128 11.12 21.71 -5.10
C PHE A 128 10.39 20.67 -5.99
N HIS A 129 10.26 20.95 -7.29
CA HIS A 129 9.48 20.06 -8.17
C HIS A 129 10.19 18.71 -8.33
N ARG A 130 11.48 18.70 -8.00
CA ARG A 130 12.34 17.54 -8.12
C ARG A 130 12.15 16.59 -6.93
N VAL A 131 11.35 17.00 -5.96
CA VAL A 131 11.10 16.17 -4.77
C VAL A 131 9.89 15.28 -5.00
N ASP A 132 10.09 13.97 -4.87
CA ASP A 132 8.99 13.01 -5.07
C ASP A 132 8.90 11.95 -3.97
N THR A 133 9.62 12.16 -2.86
CA THR A 133 9.74 11.14 -1.82
C THR A 133 9.76 11.82 -0.46
N ILE A 134 9.00 11.26 0.47
CA ILE A 134 9.11 11.64 1.88
C ILE A 134 9.69 10.48 2.68
N SER A 135 10.62 10.80 3.56
CA SER A 135 11.20 9.80 4.43
C SER A 135 11.16 10.32 5.86
N VAL A 136 10.99 9.41 6.80
CA VAL A 136 10.95 9.76 8.24
C VAL A 136 11.78 8.73 8.93
N ASN A 137 12.69 9.17 9.78
CA ASN A 137 13.48 8.28 10.59
C ASN A 137 13.64 8.79 12.02
N GLY A 138 14.21 7.95 12.88
CA GLY A 138 14.50 8.32 14.26
C GLY A 138 13.42 8.04 15.28
N SER A 139 13.40 8.88 16.32
CA SER A 139 12.68 8.63 17.57
C SER A 139 11.21 8.99 17.52
N VAL A 140 10.47 8.35 16.61
CA VAL A 140 9.11 8.73 16.34
C VAL A 140 8.30 7.51 15.92
N GLN A 141 7.02 7.49 16.29
CA GLN A 141 6.06 6.51 15.77
C GLN A 141 5.06 7.33 14.95
N LEU A 142 4.68 6.81 13.79
CA LEU A 142 3.77 7.53 12.90
C LEU A 142 2.38 6.91 12.89
N SER A 143 1.36 7.79 12.96
CA SER A 143 -0.04 7.40 12.78
C SER A 143 -0.45 7.56 11.33
N TYR A 144 -0.18 8.74 10.73
CA TYR A 144 -0.45 8.90 9.31
C TYR A 144 0.40 9.97 8.67
N ILE A 145 0.56 9.84 7.36
CA ILE A 145 1.05 10.93 6.51
C ILE A 145 -0.01 11.14 5.42
N SER A 146 -0.48 12.37 5.30
CA SER A 146 -1.55 12.67 4.36
C SER A 146 -1.18 13.82 3.47
N PHE A 147 -1.90 13.92 2.35
CA PHE A 147 -1.55 14.85 1.28
C PHE A 147 -2.77 15.63 0.85
N GLN A 148 -2.58 16.93 0.72
CA GLN A 148 -3.54 17.91 0.21
C GLN A 148 -4.73 18.10 1.15
N GLN B 7 1.36 -6.00 -31.57
CA GLN B 7 2.04 -7.17 -30.97
C GLN B 7 1.47 -7.57 -29.62
N ALA B 8 1.26 -8.87 -29.44
CA ALA B 8 0.78 -9.46 -28.20
C ALA B 8 1.81 -9.23 -27.09
N PRO B 9 1.35 -9.07 -25.85
CA PRO B 9 2.33 -8.90 -24.77
C PRO B 9 3.07 -10.17 -24.40
N TYR B 10 4.28 -10.02 -23.86
CA TYR B 10 4.96 -11.13 -23.19
C TYR B 10 4.45 -11.16 -21.74
N LEU B 11 3.84 -12.29 -21.37
CA LEU B 11 3.28 -12.46 -20.04
C LEU B 11 4.15 -13.38 -19.21
N SER B 12 4.43 -12.94 -17.98
CA SER B 12 5.35 -13.62 -17.08
C SER B 12 6.64 -14.17 -17.74
N PRO B 13 7.35 -13.34 -18.51
CA PRO B 13 8.54 -13.89 -19.17
C PRO B 13 9.64 -14.17 -18.16
N ALA B 14 10.39 -15.26 -18.33
CA ALA B 14 11.44 -15.60 -17.38
C ALA B 14 12.65 -14.68 -17.60
N VAL B 15 13.29 -14.28 -16.50
CA VAL B 15 14.50 -13.46 -16.53
C VAL B 15 15.70 -14.40 -16.29
N PRO B 16 16.80 -14.28 -17.08
CA PRO B 16 17.03 -13.31 -18.15
C PRO B 16 16.17 -13.57 -19.37
N PHE B 17 15.67 -12.49 -19.94
CA PHE B 17 14.68 -12.53 -21.01
C PHE B 17 15.21 -11.83 -22.25
N SER B 18 14.98 -12.44 -23.41
CA SER B 18 15.17 -11.75 -24.68
C SER B 18 13.96 -12.02 -25.56
N GLY B 19 13.44 -10.97 -26.18
CA GLY B 19 12.22 -11.09 -26.96
C GLY B 19 12.21 -10.16 -28.15
N THR B 20 11.70 -10.66 -29.27
CA THR B 20 11.57 -9.83 -30.44
C THR B 20 10.56 -8.69 -30.27
N ILE B 21 10.89 -7.55 -30.86
CA ILE B 21 9.93 -6.47 -31.02
C ILE B 21 9.51 -6.49 -32.48
N GLN B 22 8.30 -6.95 -32.74
CA GLN B 22 7.77 -7.09 -34.08
C GLN B 22 7.72 -5.75 -34.81
N GLY B 23 8.36 -5.69 -35.98
CA GLY B 23 8.46 -4.47 -36.76
C GLY B 23 9.55 -3.52 -36.27
N GLY B 24 10.16 -3.85 -35.13
CA GLY B 24 11.26 -3.02 -34.59
C GLY B 24 10.72 -1.80 -33.88
N LEU B 25 11.62 -1.01 -33.28
CA LEU B 25 11.20 0.25 -32.69
C LEU B 25 10.72 1.19 -33.77
N GLN B 26 9.65 1.91 -33.48
CA GLN B 26 9.08 2.90 -34.37
C GLN B 26 8.82 4.19 -33.59
N ASP B 27 8.88 5.32 -34.28
CA ASP B 27 8.62 6.61 -33.66
C ASP B 27 7.20 6.57 -33.11
N GLY B 28 7.06 6.83 -31.82
CA GLY B 28 5.75 6.80 -31.18
C GLY B 28 5.41 5.52 -30.43
N LEU B 29 6.20 4.46 -30.61
CA LEU B 29 5.94 3.19 -29.93
C LEU B 29 6.15 3.33 -28.43
N GLN B 30 5.25 2.73 -27.66
CA GLN B 30 5.35 2.72 -26.20
C GLN B 30 5.53 1.29 -25.71
N ILE B 31 6.61 1.06 -24.96
CA ILE B 31 6.87 -0.25 -24.40
C ILE B 31 6.73 -0.18 -22.89
N THR B 32 5.86 -1.02 -22.34
CA THR B 32 5.65 -1.09 -20.88
C THR B 32 6.35 -2.32 -20.33
N VAL B 33 7.10 -2.15 -19.24
CA VAL B 33 7.74 -3.25 -18.54
C VAL B 33 7.16 -3.17 -17.12
N ASN B 34 6.43 -4.21 -16.72
CA ASN B 34 5.75 -4.24 -15.43
C ASN B 34 6.26 -5.45 -14.65
N GLY B 35 6.70 -5.21 -13.42
CA GLY B 35 7.29 -6.30 -12.65
C GLY B 35 7.54 -5.94 -11.22
N THR B 36 8.48 -6.66 -10.59
CA THR B 36 8.84 -6.44 -9.19
C THR B 36 10.34 -6.48 -9.08
N VAL B 37 10.91 -5.52 -8.38
CA VAL B 37 12.35 -5.58 -8.09
C VAL B 37 12.46 -6.56 -6.95
N LEU B 38 13.28 -7.59 -7.14
CA LEU B 38 13.47 -8.58 -6.09
C LEU B 38 14.19 -7.96 -4.88
N SER B 39 13.90 -8.47 -3.70
CA SER B 39 14.49 -7.87 -2.51
C SER B 39 15.90 -8.39 -2.21
N SER B 40 16.19 -9.62 -2.62
CA SER B 40 17.43 -10.30 -2.22
C SER B 40 18.01 -11.16 -3.31
N SER B 41 17.98 -10.65 -4.55
CA SER B 41 18.47 -11.40 -5.69
C SER B 41 19.43 -10.56 -6.53
N GLY B 42 20.37 -9.90 -5.85
CA GLY B 42 21.34 -9.08 -6.53
C GLY B 42 21.05 -7.61 -6.31
N THR B 43 21.93 -6.77 -6.86
CA THR B 43 21.91 -5.33 -6.62
C THR B 43 21.65 -4.50 -7.87
N ARG B 44 21.27 -5.12 -8.99
CA ARG B 44 21.01 -4.33 -10.20
C ARG B 44 20.15 -5.10 -11.20
N PHE B 45 19.44 -4.36 -12.06
CA PHE B 45 18.76 -4.98 -13.18
C PHE B 45 18.89 -4.09 -14.39
N ALA B 46 18.61 -4.60 -15.59
CA ALA B 46 18.68 -3.77 -16.79
C ALA B 46 17.55 -4.10 -17.72
N VAL B 47 17.08 -3.07 -18.41
CA VAL B 47 16.22 -3.22 -19.57
C VAL B 47 17.05 -2.72 -20.74
N ASN B 48 17.15 -3.54 -21.79
CA ASN B 48 17.95 -3.24 -22.95
C ASN B 48 17.13 -3.25 -24.24
N PHE B 49 17.29 -2.19 -25.03
CA PHE B 49 16.74 -2.17 -26.37
C PHE B 49 17.91 -2.41 -27.32
N GLN B 50 17.90 -3.53 -28.02
CA GLN B 50 19.12 -3.98 -28.67
C GLN B 50 18.84 -4.60 -30.03
N THR B 51 19.93 -4.90 -30.73
CA THR B 51 19.91 -5.57 -32.03
C THR B 51 20.28 -7.03 -31.80
N GLY B 52 19.30 -7.92 -31.96
CA GLY B 52 19.52 -9.36 -31.72
C GLY B 52 19.66 -9.70 -30.23
N PHE B 53 19.94 -10.97 -29.95
CA PHE B 53 19.94 -11.49 -28.58
C PHE B 53 21.28 -11.46 -27.88
N SER B 54 22.35 -11.08 -28.58
CA SER B 54 23.70 -11.22 -28.01
C SER B 54 24.03 -10.26 -26.86
N GLY B 55 23.56 -9.02 -26.96
CA GLY B 55 23.94 -7.96 -26.01
C GLY B 55 25.21 -7.20 -26.37
N ASN B 56 25.82 -7.51 -27.52
CA ASN B 56 26.96 -6.71 -28.02
C ASN B 56 26.55 -5.37 -28.65
N ASP B 57 25.28 -5.27 -29.05
CA ASP B 57 24.78 -4.05 -29.64
C ASP B 57 23.49 -3.65 -28.94
N ILE B 58 23.58 -2.65 -28.06
CA ILE B 58 22.44 -2.23 -27.26
C ILE B 58 22.32 -0.75 -27.50
N ALA B 59 21.27 -0.31 -28.21
CA ALA B 59 21.04 1.11 -28.47
C ALA B 59 20.80 1.88 -27.16
N PHE B 60 20.10 1.23 -26.24
CA PHE B 60 19.72 1.86 -24.98
C PHE B 60 19.65 0.85 -23.86
N HIS B 61 20.56 1.02 -22.90
CA HIS B 61 20.72 0.16 -21.74
C HIS B 61 20.24 1.02 -20.57
N PHE B 62 19.19 0.56 -19.88
CA PHE B 62 18.61 1.30 -18.74
C PHE B 62 18.83 0.45 -17.50
N ASN B 63 19.70 0.91 -16.59
CA ASN B 63 20.29 0.03 -15.58
C ASN B 63 20.28 0.55 -14.13
N PRO B 64 19.16 0.34 -13.39
CA PRO B 64 19.12 0.70 -11.96
C PRO B 64 20.08 -0.14 -11.12
N ARG B 65 20.87 0.53 -10.29
CA ARG B 65 21.85 -0.13 -9.43
C ARG B 65 21.60 0.27 -7.98
N PHE B 66 21.28 -0.72 -7.16
CA PHE B 66 21.04 -0.51 -5.73
C PHE B 66 22.37 -0.63 -5.02
N GLU B 67 23.28 0.27 -5.37
CA GLU B 67 24.66 0.20 -4.97
C GLU B 67 25.06 1.62 -4.71
N ASP B 68 25.94 1.81 -3.74
CA ASP B 68 26.34 3.15 -3.31
C ASP B 68 25.10 4.05 -3.04
N GLY B 69 24.09 3.50 -2.39
CA GLY B 69 22.88 4.26 -2.05
C GLY B 69 21.82 4.32 -3.16
N GLY B 70 22.25 4.10 -4.41
CA GLY B 70 21.30 3.96 -5.51
C GLY B 70 21.48 4.97 -6.62
N TYR B 71 21.55 4.47 -7.87
CA TYR B 71 21.68 5.31 -9.05
C TYR B 71 21.27 4.50 -10.27
N VAL B 72 21.03 5.19 -11.38
CA VAL B 72 20.64 4.50 -12.62
C VAL B 72 21.65 4.88 -13.69
N VAL B 73 22.10 3.88 -14.45
CA VAL B 73 23.02 4.07 -15.56
C VAL B 73 22.22 3.94 -16.83
N CYS B 74 22.40 4.91 -17.73
CA CYS B 74 21.92 4.81 -19.11
C CYS B 74 23.12 4.82 -20.03
N ASN B 75 23.16 3.88 -20.99
CA ASN B 75 24.30 3.85 -21.89
C ASN B 75 23.89 3.15 -23.21
N THR B 76 24.86 3.08 -24.09
CA THR B 76 24.73 2.47 -25.42
C THR B 76 25.95 1.57 -25.57
N ARG B 77 25.76 0.37 -26.14
CA ARG B 77 26.91 -0.46 -26.51
C ARG B 77 26.88 -0.63 -28.04
N GLN B 78 28.00 -0.34 -28.68
CA GLN B 78 28.12 -0.52 -30.12
C GLN B 78 29.31 -1.41 -30.42
N ASN B 79 29.06 -2.56 -31.04
CA ASN B 79 30.11 -3.50 -31.40
C ASN B 79 30.93 -3.93 -30.19
N GLY B 80 30.24 -4.19 -29.09
CA GLY B 80 30.84 -4.65 -27.83
C GLY B 80 31.38 -3.56 -26.92
N SER B 81 31.51 -2.34 -27.42
CA SER B 81 32.04 -1.28 -26.57
C SER B 81 30.99 -0.33 -26.02
N TRP B 82 31.05 -0.17 -24.70
CA TRP B 82 30.22 0.79 -24.00
C TRP B 82 30.67 2.22 -24.23
N GLY B 83 29.69 3.12 -24.38
CA GLY B 83 29.94 4.54 -24.51
C GLY B 83 30.05 5.21 -23.14
N PRO B 84 30.07 6.54 -23.09
CA PRO B 84 30.10 7.29 -21.83
C PRO B 84 28.74 7.14 -21.11
N GLU B 85 28.76 6.75 -19.83
CA GLU B 85 27.52 6.52 -19.06
C GLU B 85 26.83 7.83 -18.72
N GLU B 86 25.50 7.84 -18.81
CA GLU B 86 24.70 8.94 -18.31
C GLU B 86 24.09 8.47 -16.99
N ARG B 87 24.66 8.92 -15.87
CA ARG B 87 24.19 8.43 -14.57
C ARG B 87 23.18 9.39 -13.96
N LYS B 88 22.15 8.81 -13.38
CA LYS B 88 21.14 9.56 -12.66
C LYS B 88 21.23 9.18 -11.19
N THR B 89 21.56 10.14 -10.34
CA THR B 89 21.72 9.86 -8.91
C THR B 89 20.36 9.89 -8.18
N HIS B 90 19.29 9.88 -8.97
CA HIS B 90 17.91 9.82 -8.48
C HIS B 90 17.52 8.34 -8.59
N MET B 91 17.27 7.66 -7.45
CA MET B 91 16.81 6.24 -7.47
C MET B 91 15.28 6.15 -7.26
N PRO B 92 14.52 5.89 -8.34
CA PRO B 92 13.05 5.91 -8.22
C PRO B 92 12.46 4.53 -7.93
N PHE B 93 13.31 3.51 -7.75
CA PHE B 93 12.86 2.13 -7.47
C PHE B 93 13.15 1.74 -6.04
N GLN B 94 12.38 0.79 -5.54
CA GLN B 94 12.62 0.15 -4.24
C GLN B 94 12.74 -1.35 -4.42
N LYS B 95 13.77 -1.97 -3.81
CA LYS B 95 13.85 -3.42 -3.79
C LYS B 95 12.64 -4.01 -3.06
N GLY B 96 12.11 -5.08 -3.64
CA GLY B 96 10.96 -5.77 -3.11
C GLY B 96 9.64 -5.18 -3.58
N MET B 97 9.68 -4.09 -4.33
CA MET B 97 8.43 -3.41 -4.69
C MET B 97 8.05 -3.54 -6.17
N PRO B 98 6.74 -3.52 -6.47
CA PRO B 98 6.29 -3.54 -7.87
C PRO B 98 6.59 -2.22 -8.55
N PHE B 99 6.82 -2.28 -9.86
CA PHE B 99 7.11 -1.08 -10.65
C PHE B 99 6.42 -1.16 -12.01
N ASP B 100 6.11 0.02 -12.55
CA ASP B 100 5.73 0.17 -13.97
C ASP B 100 6.76 1.05 -14.63
N LEU B 101 7.37 0.55 -15.69
CA LEU B 101 8.34 1.30 -16.47
C LEU B 101 7.75 1.46 -17.85
N CYS B 102 7.71 2.71 -18.35
CA CYS B 102 7.23 2.96 -19.70
C CYS B 102 8.28 3.67 -20.52
N PHE B 103 8.56 3.14 -21.70
CA PHE B 103 9.52 3.74 -22.58
C PHE B 103 8.78 4.20 -23.83
N LEU B 104 8.89 5.49 -24.11
CA LEU B 104 8.31 6.09 -25.30
C LEU B 104 9.42 6.38 -26.28
N VAL B 105 9.28 5.88 -27.51
CA VAL B 105 10.26 6.19 -28.54
C VAL B 105 9.85 7.47 -29.25
N GLN B 106 10.77 8.43 -29.31
CA GLN B 106 10.56 9.65 -30.08
C GLN B 106 11.68 9.77 -31.10
N SER B 107 11.56 10.73 -32.02
CA SER B 107 12.54 10.91 -33.09
C SER B 107 13.94 11.13 -32.58
N SER B 108 14.07 11.90 -31.50
CA SER B 108 15.38 12.31 -30.97
C SER B 108 15.86 11.52 -29.74
N ASP B 109 14.92 10.89 -29.02
CA ASP B 109 15.21 10.32 -27.71
C ASP B 109 14.20 9.29 -27.27
N PHE B 110 14.58 8.50 -26.25
CA PHE B 110 13.62 7.73 -25.46
C PHE B 110 13.19 8.57 -24.28
N LYS B 111 11.90 8.51 -23.95
CA LYS B 111 11.41 9.09 -22.71
C LYS B 111 11.07 7.91 -21.81
N VAL B 112 11.43 7.99 -20.53
CA VAL B 112 11.27 6.89 -19.58
C VAL B 112 10.46 7.35 -18.38
N MET B 113 9.29 6.74 -18.19
CA MET B 113 8.44 7.01 -17.03
C MET B 113 8.58 5.86 -16.05
N VAL B 114 8.66 6.19 -14.76
CA VAL B 114 8.69 5.18 -13.72
C VAL B 114 7.48 5.44 -12.82
N ASN B 115 6.62 4.44 -12.69
CA ASN B 115 5.41 4.55 -11.89
C ASN B 115 4.59 5.80 -12.25
N GLY B 116 4.40 5.98 -13.56
CA GLY B 116 3.52 7.02 -14.08
C GLY B 116 4.11 8.41 -14.22
N ILE B 117 5.37 8.56 -13.86
CA ILE B 117 6.02 9.87 -13.81
C ILE B 117 7.29 9.90 -14.64
N LEU B 118 7.43 10.90 -15.49
CA LEU B 118 8.61 11.03 -16.32
C LEU B 118 9.86 11.07 -15.43
N PHE B 119 10.79 10.19 -15.76
CA PHE B 119 12.00 10.03 -14.94
C PHE B 119 13.23 10.61 -15.64
N VAL B 120 13.56 10.08 -16.82
CA VAL B 120 14.71 10.56 -17.59
C VAL B 120 14.40 10.49 -19.08
N GLN B 121 15.18 11.22 -19.87
CA GLN B 121 15.20 11.02 -21.31
C GLN B 121 16.61 10.60 -21.69
N TYR B 122 16.72 9.86 -22.79
CA TYR B 122 18.00 9.41 -23.29
C TYR B 122 18.06 9.68 -24.80
N PHE B 123 18.95 10.57 -25.22
CA PHE B 123 19.06 10.88 -26.66
C PHE B 123 19.67 9.72 -27.47
N HIS B 124 19.08 9.45 -28.63
CA HIS B 124 19.53 8.35 -29.47
C HIS B 124 20.97 8.55 -29.86
N ARG B 125 21.78 7.51 -29.71
CA ARG B 125 23.15 7.51 -30.18
C ARG B 125 23.31 6.66 -31.42
N VAL B 126 22.42 5.69 -31.57
CA VAL B 126 22.28 4.90 -32.80
C VAL B 126 20.84 5.01 -33.33
N PRO B 127 20.61 4.82 -34.66
CA PRO B 127 19.23 4.96 -35.11
C PRO B 127 18.33 3.92 -34.41
N PHE B 128 17.17 4.34 -33.93
CA PHE B 128 16.32 3.44 -33.15
C PHE B 128 15.72 2.32 -33.99
N HIS B 129 15.74 2.47 -35.32
CA HIS B 129 15.21 1.42 -36.20
C HIS B 129 16.07 0.16 -36.17
N ARG B 130 17.31 0.29 -35.73
CA ARG B 130 18.21 -0.84 -35.52
C ARG B 130 17.77 -1.76 -34.37
N VAL B 131 16.85 -1.31 -33.52
CA VAL B 131 16.46 -2.12 -32.38
C VAL B 131 15.35 -3.09 -32.82
N ASP B 132 15.58 -4.37 -32.62
CA ASP B 132 14.57 -5.38 -32.90
C ASP B 132 14.26 -6.30 -31.73
N THR B 133 14.83 -6.00 -30.55
CA THR B 133 14.79 -6.91 -29.41
C THR B 133 14.74 -6.09 -28.11
N ILE B 134 13.91 -6.54 -27.17
CA ILE B 134 14.00 -6.07 -25.75
C ILE B 134 14.56 -7.19 -24.88
N SER B 135 15.55 -6.87 -24.05
CA SER B 135 16.09 -7.84 -23.12
C SER B 135 15.98 -7.31 -21.69
N VAL B 136 15.81 -8.20 -20.74
CA VAL B 136 15.76 -7.82 -19.32
C VAL B 136 16.60 -8.82 -18.56
N ASN B 137 17.54 -8.30 -17.77
CA ASN B 137 18.37 -9.14 -16.93
C ASN B 137 18.44 -8.66 -15.47
N GLY B 138 18.87 -9.56 -14.59
CA GLY B 138 19.23 -9.19 -13.22
C GLY B 138 18.13 -9.33 -12.21
N SER B 139 18.14 -8.41 -11.25
CA SER B 139 17.41 -8.55 -9.99
C SER B 139 15.95 -8.16 -10.08
N VAL B 140 15.22 -8.77 -11.03
CA VAL B 140 13.80 -8.46 -11.23
C VAL B 140 13.03 -9.70 -11.63
N GLN B 141 11.73 -9.66 -11.34
CA GLN B 141 10.78 -10.64 -11.82
C GLN B 141 9.79 -9.84 -12.69
N LEU B 142 9.44 -10.37 -13.85
CA LEU B 142 8.57 -9.67 -14.78
C LEU B 142 7.16 -10.23 -14.76
N SER B 143 6.18 -9.32 -14.75
CA SER B 143 4.77 -9.69 -14.93
C SER B 143 4.39 -9.59 -16.40
N TYR B 144 4.70 -8.46 -17.04
CA TYR B 144 4.44 -8.36 -18.47
C TYR B 144 5.31 -7.31 -19.16
N ILE B 145 5.52 -7.52 -20.46
CA ILE B 145 6.06 -6.49 -21.36
C ILE B 145 5.03 -6.30 -22.47
N SER B 146 4.56 -5.07 -22.65
CA SER B 146 3.52 -4.81 -23.64
C SER B 146 3.92 -3.69 -24.58
N PHE B 147 3.23 -3.64 -25.71
CA PHE B 147 3.59 -2.73 -26.79
C PHE B 147 2.36 -1.98 -27.23
N GLN B 148 2.53 -0.68 -27.42
CA GLN B 148 1.48 0.27 -27.80
C GLN B 148 0.27 0.27 -26.90
N GLN C 7 -8.72 -14.54 -25.91
CA GLN C 7 -9.06 -13.19 -25.40
C GLN C 7 -7.79 -12.44 -25.01
N ALA C 8 -7.74 -11.15 -25.29
CA ALA C 8 -6.62 -10.30 -24.89
C ALA C 8 -6.58 -10.23 -23.36
N PRO C 9 -5.38 -10.12 -22.77
CA PRO C 9 -5.30 -9.98 -21.33
C PRO C 9 -5.77 -8.61 -20.83
N TYR C 10 -6.17 -8.56 -19.57
CA TYR C 10 -6.48 -7.31 -18.90
C TYR C 10 -5.20 -6.88 -18.24
N LEU C 11 -4.59 -5.80 -18.73
CA LEU C 11 -3.30 -5.36 -18.20
C LEU C 11 -3.48 -4.30 -17.11
N SER C 12 -2.77 -4.48 -16.00
CA SER C 12 -2.83 -3.57 -14.84
C SER C 12 -4.24 -3.07 -14.50
N PRO C 13 -5.20 -3.99 -14.30
CA PRO C 13 -6.55 -3.53 -13.94
C PRO C 13 -6.58 -3.07 -12.48
N ALA C 14 -7.32 -2.01 -12.18
CA ALA C 14 -7.41 -1.49 -10.82
C ALA C 14 -8.37 -2.38 -10.01
N VAL C 15 -8.11 -2.55 -8.71
CA VAL C 15 -8.92 -3.41 -7.84
C VAL C 15 -9.86 -2.52 -7.00
N PRO C 16 -11.16 -2.90 -6.85
CA PRO C 16 -11.78 -4.14 -7.38
C PRO C 16 -12.02 -4.08 -8.86
N PHE C 17 -11.93 -5.23 -9.51
CA PHE C 17 -12.05 -5.34 -10.94
C PHE C 17 -12.98 -6.50 -11.29
N SER C 18 -13.96 -6.23 -12.15
CA SER C 18 -14.76 -7.27 -12.78
C SER C 18 -14.57 -7.22 -14.28
N GLY C 19 -14.20 -8.36 -14.86
CA GLY C 19 -13.96 -8.40 -16.29
C GLY C 19 -14.70 -9.53 -16.95
N THR C 20 -15.20 -9.28 -18.15
CA THR C 20 -15.88 -10.29 -18.92
C THR C 20 -14.93 -11.42 -19.38
N ILE C 21 -15.39 -12.66 -19.27
CA ILE C 21 -14.69 -13.80 -19.87
C ILE C 21 -15.39 -14.07 -21.22
N GLN C 22 -14.71 -13.68 -22.31
CA GLN C 22 -15.27 -13.83 -23.65
C GLN C 22 -15.52 -15.32 -23.96
N GLY C 23 -16.77 -15.66 -24.27
CA GLY C 23 -17.18 -17.04 -24.52
C GLY C 23 -17.50 -17.86 -23.27
N GLY C 24 -17.29 -17.27 -22.10
CA GLY C 24 -17.58 -17.94 -20.84
C GLY C 24 -16.54 -18.97 -20.45
N LEU C 25 -16.70 -19.57 -19.27
CA LEU C 25 -15.80 -20.63 -18.88
C LEU C 25 -16.01 -21.83 -19.79
N GLN C 26 -14.90 -22.47 -20.15
CA GLN C 26 -14.92 -23.69 -20.97
C GLN C 26 -13.93 -24.71 -20.42
N ASP C 27 -14.26 -25.99 -20.56
CA ASP C 27 -13.29 -27.04 -20.20
C ASP C 27 -11.94 -26.81 -20.91
N GLY C 28 -10.85 -26.85 -20.15
CA GLY C 28 -9.53 -26.61 -20.69
C GLY C 28 -9.03 -25.18 -20.62
N LEU C 29 -9.91 -24.24 -20.31
CA LEU C 29 -9.49 -22.83 -20.21
C LEU C 29 -8.60 -22.64 -18.98
N GLN C 30 -7.51 -21.90 -19.15
CA GLN C 30 -6.66 -21.54 -18.02
C GLN C 30 -6.73 -20.05 -17.78
N ILE C 31 -7.05 -19.66 -16.55
CA ILE C 31 -7.15 -18.22 -16.23
C ILE C 31 -6.05 -17.85 -15.25
N THR C 32 -5.21 -16.89 -15.63
CA THR C 32 -4.06 -16.52 -14.78
C THR C 32 -4.34 -15.16 -14.16
N VAL C 33 -4.18 -15.09 -12.84
CA VAL C 33 -4.26 -13.84 -12.09
C VAL C 33 -2.87 -13.60 -11.50
N ASN C 34 -2.22 -12.51 -11.91
CA ASN C 34 -0.86 -12.22 -11.52
C ASN C 34 -0.88 -10.87 -10.83
N GLY C 35 -0.44 -10.84 -9.59
CA GLY C 35 -0.47 -9.61 -8.81
C GLY C 35 0.42 -9.66 -7.60
N THR C 36 0.10 -8.80 -6.64
CA THR C 36 0.87 -8.65 -5.43
C THR C 36 -0.10 -8.44 -4.29
N VAL C 37 0.09 -9.17 -3.19
CA VAL C 37 -0.68 -8.94 -1.97
C VAL C 37 -0.19 -7.64 -1.31
N LEU C 38 -1.10 -6.76 -0.95
CA LEU C 38 -0.73 -5.47 -0.35
C LEU C 38 -0.08 -5.72 1.02
N SER C 39 0.99 -5.00 1.30
CA SER C 39 1.73 -5.18 2.55
C SER C 39 0.99 -4.62 3.76
N SER C 40 0.12 -3.63 3.56
CA SER C 40 -0.56 -3.00 4.69
C SER C 40 -1.98 -2.48 4.44
N SER C 41 -2.77 -3.25 3.70
CA SER C 41 -4.21 -3.02 3.65
C SER C 41 -4.87 -4.02 4.60
N GLY C 42 -5.88 -4.74 4.12
CA GLY C 42 -6.59 -5.65 4.99
C GLY C 42 -5.88 -6.98 5.07
N THR C 43 -6.67 -8.00 5.37
CA THR C 43 -6.15 -9.33 5.59
C THR C 43 -6.77 -10.32 4.59
N ARG C 44 -7.58 -9.80 3.66
CA ARG C 44 -8.27 -10.68 2.71
C ARG C 44 -8.23 -10.19 1.26
N PHE C 45 -8.19 -11.13 0.33
CA PHE C 45 -8.53 -10.84 -1.05
C PHE C 45 -9.33 -12.00 -1.63
N ALA C 46 -9.99 -11.77 -2.75
CA ALA C 46 -10.76 -12.85 -3.39
C ALA C 46 -10.68 -12.76 -4.89
N VAL C 47 -10.71 -13.93 -5.53
CA VAL C 47 -10.96 -14.07 -6.95
C VAL C 47 -12.30 -14.80 -7.10
N ASN C 48 -13.21 -14.18 -7.83
CA ASN C 48 -14.57 -14.69 -8.01
C ASN C 48 -14.88 -15.03 -9.46
N PHE C 49 -15.31 -16.27 -9.70
CA PHE C 49 -15.85 -16.66 -11.01
C PHE C 49 -17.37 -16.61 -10.88
N GLN C 50 -18.00 -15.72 -11.63
CA GLN C 50 -19.41 -15.40 -11.38
C GLN C 50 -20.22 -15.17 -12.66
N THR C 51 -21.52 -15.13 -12.48
CA THR C 51 -22.46 -14.86 -13.55
C THR C 51 -22.90 -13.41 -13.41
N GLY C 52 -22.54 -12.60 -14.40
CA GLY C 52 -22.80 -11.16 -14.38
C GLY C 52 -22.10 -10.35 -13.29
N PHE C 53 -22.60 -9.14 -13.06
CA PHE C 53 -21.98 -8.21 -12.11
C PHE C 53 -22.63 -8.10 -10.71
N SER C 54 -23.73 -8.81 -10.47
CA SER C 54 -24.46 -8.69 -9.21
C SER C 54 -23.70 -9.16 -7.95
N GLY C 55 -22.94 -10.24 -8.06
CA GLY C 55 -22.28 -10.84 -6.91
C GLY C 55 -23.12 -11.84 -6.15
N ASN C 56 -24.34 -12.08 -6.63
CA ASN C 56 -25.25 -13.03 -6.00
C ASN C 56 -25.01 -14.46 -6.43
N ASP C 57 -24.38 -14.61 -7.59
CA ASP C 57 -24.15 -15.92 -8.18
C ASP C 57 -22.69 -16.07 -8.56
N ILE C 58 -21.93 -16.57 -7.60
CA ILE C 58 -20.49 -16.80 -7.75
C ILE C 58 -20.30 -18.30 -7.75
N ALA C 59 -19.97 -18.86 -8.92
CA ALA C 59 -19.71 -20.29 -9.06
C ALA C 59 -18.53 -20.75 -8.21
N PHE C 60 -17.50 -19.89 -8.11
CA PHE C 60 -16.28 -20.22 -7.35
C PHE C 60 -15.70 -18.95 -6.79
N HIS C 61 -15.71 -18.87 -5.46
CA HIS C 61 -15.09 -17.81 -4.68
C HIS C 61 -13.81 -18.38 -4.09
N PHE C 62 -12.67 -17.81 -4.48
CA PHE C 62 -11.36 -18.21 -3.96
C PHE C 62 -10.78 -17.08 -3.06
N ASN C 63 -10.72 -17.34 -1.76
CA ASN C 63 -10.59 -16.26 -0.77
C ASN C 63 -9.49 -16.47 0.29
N PRO C 64 -8.23 -16.07 -0.02
CA PRO C 64 -7.21 -16.10 1.05
C PRO C 64 -7.46 -15.12 2.22
N ARG C 65 -7.28 -15.60 3.44
CA ARG C 65 -7.49 -14.79 4.67
C ARG C 65 -6.27 -14.87 5.58
N PHE C 66 -5.62 -13.72 5.81
CA PHE C 66 -4.44 -13.62 6.68
C PHE C 66 -4.90 -13.44 8.11
N GLU C 67 -5.59 -14.47 8.59
CA GLU C 67 -6.27 -14.42 9.87
C GLU C 67 -6.12 -15.80 10.47
N ASP C 68 -6.11 -15.86 11.80
CA ASP C 68 -6.09 -17.13 12.53
C ASP C 68 -4.99 -18.08 12.03
N GLY C 69 -3.81 -17.53 11.77
CA GLY C 69 -2.66 -18.31 11.31
C GLY C 69 -2.60 -18.52 9.80
N GLY C 70 -3.63 -18.05 9.09
CA GLY C 70 -3.60 -18.05 7.64
C GLY C 70 -4.37 -19.24 7.09
N TYR C 71 -5.37 -18.95 6.27
CA TYR C 71 -6.13 -20.02 5.57
C TYR C 71 -6.78 -19.47 4.32
N VAL C 72 -7.29 -20.37 3.46
CA VAL C 72 -7.95 -20.00 2.20
C VAL C 72 -9.33 -20.64 2.19
N VAL C 73 -10.33 -19.82 1.89
CA VAL C 73 -11.73 -20.27 1.79
C VAL C 73 -12.09 -20.48 0.31
N CYS C 74 -12.76 -21.59 0.04
CA CYS C 74 -13.37 -21.83 -1.28
C CYS C 74 -14.85 -22.07 -1.10
N ASN C 75 -15.66 -21.37 -1.87
CA ASN C 75 -17.11 -21.49 -1.74
C ASN C 75 -17.85 -21.06 -3.01
N THR C 76 -19.17 -21.23 -2.99
CA THR C 76 -20.07 -20.88 -4.08
C THR C 76 -21.20 -20.06 -3.45
N ARG C 77 -21.63 -19.01 -4.16
CA ARG C 77 -22.79 -18.23 -3.76
C ARG C 77 -23.87 -18.43 -4.83
N GLN C 78 -25.08 -18.76 -4.40
CA GLN C 78 -26.18 -18.98 -5.32
C GLN C 78 -27.39 -18.22 -4.78
N ASN C 79 -28.05 -17.45 -5.65
CA ASN C 79 -29.23 -16.66 -5.27
C ASN C 79 -28.93 -15.81 -4.04
N GLY C 80 -27.70 -15.32 -3.93
CA GLY C 80 -27.28 -14.48 -2.82
C GLY C 80 -27.06 -15.17 -1.47
N SER C 81 -26.91 -16.49 -1.47
CA SER C 81 -26.53 -17.20 -0.24
C SER C 81 -25.27 -18.06 -0.39
N TRP C 82 -24.42 -18.00 0.63
CA TRP C 82 -23.17 -18.76 0.65
C TRP C 82 -23.39 -20.22 1.02
N GLY C 83 -22.75 -21.13 0.29
CA GLY C 83 -22.82 -22.56 0.57
C GLY C 83 -21.87 -22.96 1.68
N PRO C 84 -21.61 -24.28 1.82
CA PRO C 84 -20.62 -24.72 2.80
C PRO C 84 -19.17 -24.49 2.34
N GLU C 85 -18.42 -23.75 3.15
CA GLU C 85 -17.04 -23.40 2.83
C GLU C 85 -16.13 -24.62 2.81
N GLU C 86 -15.21 -24.66 1.85
CA GLU C 86 -14.07 -25.55 1.91
C GLU C 86 -12.90 -24.69 2.37
N ARG C 87 -12.19 -25.11 3.44
CA ARG C 87 -11.06 -24.35 3.94
C ARG C 87 -9.75 -25.15 3.89
N LYS C 88 -8.66 -24.46 3.58
CA LYS C 88 -7.36 -25.11 3.63
C LYS C 88 -6.50 -24.26 4.53
N THR C 89 -5.97 -24.85 5.59
CA THR C 89 -5.28 -24.07 6.63
C THR C 89 -3.81 -23.86 6.33
N HIS C 90 -3.51 -23.69 5.05
CA HIS C 90 -2.20 -23.29 4.58
C HIS C 90 -2.37 -22.02 3.73
N MET C 91 -1.60 -20.99 4.08
CA MET C 91 -1.55 -19.72 3.33
C MET C 91 -0.31 -19.66 2.42
N PRO C 92 -0.49 -19.87 1.10
CA PRO C 92 0.64 -19.89 0.17
C PRO C 92 0.97 -18.50 -0.38
N PHE C 93 0.25 -17.48 0.07
CA PHE C 93 0.53 -16.09 -0.28
C PHE C 93 1.22 -15.38 0.89
N GLN C 94 1.85 -14.26 0.61
CA GLN C 94 2.49 -13.46 1.63
C GLN C 94 2.23 -11.99 1.40
N LYS C 95 1.93 -11.27 2.48
CA LYS C 95 1.70 -9.83 2.37
C LYS C 95 2.94 -9.16 1.78
N GLY C 96 2.70 -8.24 0.83
CA GLY C 96 3.77 -7.56 0.12
C GLY C 96 4.47 -8.32 -1.01
N MET C 97 4.07 -9.56 -1.25
CA MET C 97 4.76 -10.41 -2.22
C MET C 97 3.96 -10.71 -3.50
N PRO C 98 4.64 -10.75 -4.66
CA PRO C 98 3.93 -11.09 -5.89
C PRO C 98 3.49 -12.56 -5.90
N PHE C 99 2.49 -12.87 -6.71
CA PHE C 99 2.01 -14.22 -6.88
C PHE C 99 1.56 -14.44 -8.32
N ASP C 100 1.61 -15.70 -8.72
CA ASP C 100 0.97 -16.13 -9.94
C ASP C 100 -0.05 -17.19 -9.57
N LEU C 101 -1.31 -16.87 -9.84
CA LEU C 101 -2.42 -17.74 -9.54
C LEU C 101 -3.06 -18.22 -10.86
N CYS C 102 -3.13 -19.54 -11.04
CA CYS C 102 -3.68 -20.10 -12.27
C CYS C 102 -4.85 -21.00 -11.98
N PHE C 103 -6.00 -20.72 -12.60
CA PHE C 103 -7.21 -21.55 -12.44
C PHE C 103 -7.41 -22.35 -13.72
N LEU C 104 -7.51 -23.67 -13.59
CA LEU C 104 -7.77 -24.51 -14.75
C LEU C 104 -9.17 -25.07 -14.64
N VAL C 105 -9.98 -24.80 -15.64
CA VAL C 105 -11.32 -25.35 -15.70
C VAL C 105 -11.23 -26.76 -16.26
N GLN C 106 -11.66 -27.74 -15.45
CA GLN C 106 -11.74 -29.15 -15.89
C GLN C 106 -13.21 -29.64 -15.83
N SER C 107 -13.48 -30.84 -16.36
CA SER C 107 -14.87 -31.31 -16.47
C SER C 107 -15.63 -31.34 -15.14
N SER C 108 -14.97 -31.79 -14.08
CA SER C 108 -15.66 -31.96 -12.80
C SER C 108 -15.25 -30.98 -11.72
N ASP C 109 -14.15 -30.25 -11.92
CA ASP C 109 -13.59 -29.34 -10.93
C ASP C 109 -12.71 -28.23 -11.53
N PHE C 110 -12.42 -27.23 -10.71
CA PHE C 110 -11.32 -26.28 -10.96
C PHE C 110 -10.08 -26.83 -10.28
N LYS C 111 -8.94 -26.73 -10.96
CA LYS C 111 -7.63 -26.96 -10.35
C LYS C 111 -6.96 -25.60 -10.18
N VAL C 112 -6.42 -25.34 -8.97
CA VAL C 112 -5.83 -24.04 -8.64
C VAL C 112 -4.34 -24.19 -8.31
N MET C 113 -3.49 -23.55 -9.12
CA MET C 113 -2.05 -23.51 -8.89
C MET C 113 -1.66 -22.17 -8.31
N VAL C 114 -0.77 -22.19 -7.33
CA VAL C 114 -0.21 -20.97 -6.77
C VAL C 114 1.31 -21.01 -6.96
N ASN C 115 1.84 -20.02 -7.69
CA ASN C 115 3.25 -19.96 -8.08
C ASN C 115 3.79 -21.27 -8.67
N GLY C 116 3.01 -21.87 -9.57
CA GLY C 116 3.43 -23.06 -10.31
C GLY C 116 3.11 -24.39 -9.66
N ILE C 117 2.64 -24.35 -8.42
CA ILE C 117 2.36 -25.55 -7.63
C ILE C 117 0.87 -25.73 -7.32
N LEU C 118 0.35 -26.92 -7.64
CA LEU C 118 -1.03 -27.28 -7.30
C LEU C 118 -1.33 -27.01 -5.83
N PHE C 119 -2.36 -26.20 -5.60
CA PHE C 119 -2.72 -25.81 -4.24
C PHE C 119 -4.02 -26.48 -3.76
N VAL C 120 -5.10 -26.26 -4.50
CA VAL C 120 -6.41 -26.82 -4.16
C VAL C 120 -7.12 -27.27 -5.44
N GLN C 121 -8.11 -28.12 -5.28
CA GLN C 121 -9.14 -28.25 -6.30
C GLN C 121 -10.49 -27.84 -5.70
N TYR C 122 -11.45 -27.62 -6.59
CA TYR C 122 -12.79 -27.28 -6.16
C TYR C 122 -13.78 -27.89 -7.14
N PHE C 123 -14.63 -28.79 -6.66
CA PHE C 123 -15.65 -29.40 -7.50
C PHE C 123 -16.71 -28.41 -7.89
N HIS C 124 -17.08 -28.45 -9.17
CA HIS C 124 -18.14 -27.60 -9.69
C HIS C 124 -19.43 -27.88 -8.92
N ARG C 125 -20.00 -26.83 -8.36
CA ARG C 125 -21.29 -26.92 -7.67
C ARG C 125 -22.42 -26.44 -8.56
N VAL C 126 -22.09 -25.53 -9.47
CA VAL C 126 -23.02 -25.05 -10.48
C VAL C 126 -22.37 -25.18 -11.87
N PRO C 127 -23.19 -25.21 -12.95
CA PRO C 127 -22.66 -25.30 -14.31
C PRO C 127 -21.63 -24.20 -14.65
N PHE C 128 -20.37 -24.59 -14.84
CA PHE C 128 -19.32 -23.60 -15.16
C PHE C 128 -19.56 -22.75 -16.42
N HIS C 129 -20.20 -23.35 -17.44
CA HIS C 129 -20.44 -22.63 -18.69
C HIS C 129 -21.31 -21.36 -18.50
N ARG C 130 -21.99 -21.26 -17.36
CA ARG C 130 -22.78 -20.07 -17.01
C ARG C 130 -21.92 -18.91 -16.47
N VAL C 131 -20.66 -19.17 -16.15
CA VAL C 131 -19.73 -18.12 -15.69
C VAL C 131 -19.21 -17.30 -16.86
N ASP C 132 -19.38 -15.98 -16.78
CA ASP C 132 -18.97 -15.06 -17.84
C ASP C 132 -18.15 -13.88 -17.31
N THR C 133 -17.81 -13.92 -16.03
CA THR C 133 -17.19 -12.78 -15.39
C THR C 133 -16.13 -13.25 -14.38
N ILE C 134 -14.98 -12.59 -14.37
CA ILE C 134 -14.00 -12.78 -13.28
C ILE C 134 -13.90 -11.48 -12.47
N SER C 135 -14.00 -11.59 -11.16
CA SER C 135 -13.83 -10.44 -10.29
C SER C 135 -12.71 -10.66 -9.30
N VAL C 136 -11.99 -9.59 -9.00
CA VAL C 136 -10.95 -9.62 -7.96
C VAL C 136 -11.23 -8.44 -7.04
N ASN C 137 -11.14 -8.66 -5.73
CA ASN C 137 -11.33 -7.58 -4.76
C ASN C 137 -10.43 -7.78 -3.54
N GLY C 138 -10.33 -6.74 -2.71
CA GLY C 138 -9.61 -6.81 -1.44
C GLY C 138 -8.18 -6.35 -1.51
N SER C 139 -7.33 -6.96 -0.68
CA SER C 139 -6.01 -6.42 -0.40
C SER C 139 -4.96 -6.91 -1.36
N VAL C 140 -5.17 -6.58 -2.63
CA VAL C 140 -4.31 -7.03 -3.70
C VAL C 140 -4.21 -5.90 -4.74
N GLN C 141 -3.09 -5.84 -5.43
CA GLN C 141 -3.04 -5.11 -6.70
C GLN C 141 -2.72 -6.10 -7.83
N LEU C 142 -3.15 -5.78 -9.05
CA LEU C 142 -3.04 -6.73 -10.16
C LEU C 142 -2.10 -6.26 -11.25
N SER C 143 -1.30 -7.19 -11.77
CA SER C 143 -0.49 -6.90 -12.94
C SER C 143 -1.22 -7.31 -14.19
N TYR C 144 -1.79 -8.51 -14.20
CA TYR C 144 -2.62 -8.91 -15.32
C TYR C 144 -3.57 -10.04 -14.96
N ILE C 145 -4.62 -10.16 -15.78
CA ILE C 145 -5.48 -11.33 -15.82
C ILE C 145 -5.46 -11.83 -17.28
N SER C 146 -5.15 -13.10 -17.50
CA SER C 146 -5.09 -13.63 -18.88
C SER C 146 -5.86 -14.94 -19.04
N PHE C 147 -6.18 -15.28 -20.30
CA PHE C 147 -7.04 -16.42 -20.64
C PHE C 147 -6.39 -17.20 -21.79
N GLN C 148 -6.18 -18.50 -21.60
CA GLN C 148 -5.64 -19.34 -22.68
C GLN C 148 -6.47 -20.60 -22.80
N GLN D 7 -13.90 2.15 2.08
CA GLN D 7 -14.22 3.48 2.64
C GLN D 7 -12.96 4.20 3.08
N ALA D 8 -12.90 5.50 2.76
CA ALA D 8 -11.78 6.36 3.14
C ALA D 8 -11.71 6.54 4.66
N PRO D 9 -10.49 6.65 5.22
CA PRO D 9 -10.35 6.82 6.68
C PRO D 9 -10.80 8.19 7.18
N TYR D 10 -11.17 8.27 8.45
CA TYR D 10 -11.42 9.55 9.08
C TYR D 10 -10.11 9.96 9.73
N LEU D 11 -9.53 11.06 9.24
CA LEU D 11 -8.25 11.53 9.77
C LEU D 11 -8.46 12.59 10.82
N SER D 12 -7.74 12.46 11.94
CA SER D 12 -7.77 13.43 13.04
C SER D 12 -9.18 13.91 13.43
N PRO D 13 -10.12 12.98 13.60
CA PRO D 13 -11.45 13.42 14.00
C PRO D 13 -11.41 13.92 15.44
N ALA D 14 -12.04 15.07 15.68
CA ALA D 14 -12.18 15.60 17.04
C ALA D 14 -13.11 14.71 17.87
N VAL D 15 -12.77 14.48 19.13
CA VAL D 15 -13.57 13.66 20.06
C VAL D 15 -14.43 14.61 20.91
N PRO D 16 -15.75 14.32 21.07
CA PRO D 16 -16.48 13.12 20.61
C PRO D 16 -16.75 13.12 19.12
N PHE D 17 -16.67 11.93 18.52
CA PHE D 17 -16.84 11.76 17.07
C PHE D 17 -17.81 10.64 16.79
N SER D 18 -18.69 10.87 15.82
CA SER D 18 -19.55 9.84 15.28
C SER D 18 -19.39 9.80 13.76
N GLY D 19 -19.04 8.64 13.20
CA GLY D 19 -18.81 8.53 11.76
C GLY D 19 -19.62 7.40 11.16
N THR D 20 -20.09 7.61 9.94
CA THR D 20 -20.83 6.57 9.21
C THR D 20 -19.89 5.45 8.80
N ILE D 21 -20.38 4.22 8.94
CA ILE D 21 -19.74 3.05 8.37
C ILE D 21 -20.50 2.69 7.09
N GLN D 22 -19.88 2.99 5.96
CA GLN D 22 -20.49 2.78 4.65
C GLN D 22 -20.65 1.29 4.36
N GLY D 23 -21.90 0.90 4.08
CA GLY D 23 -22.26 -0.51 3.91
C GLY D 23 -22.62 -1.24 5.19
N GLY D 24 -22.44 -0.55 6.33
CA GLY D 24 -22.70 -1.17 7.62
C GLY D 24 -21.63 -2.20 7.99
N LEU D 25 -21.76 -2.77 9.18
CA LEU D 25 -20.85 -3.82 9.59
C LEU D 25 -21.12 -5.07 8.75
N GLN D 26 -20.04 -5.73 8.35
CA GLN D 26 -20.11 -6.96 7.56
C GLN D 26 -19.19 -7.99 8.19
N ASP D 27 -19.54 -9.28 8.00
CA ASP D 27 -18.73 -10.40 8.47
C ASP D 27 -17.39 -10.43 7.77
N GLY D 28 -16.32 -10.11 8.50
CA GLY D 28 -14.99 -10.01 7.94
C GLY D 28 -14.44 -8.59 7.89
N LEU D 29 -15.29 -7.60 8.20
CA LEU D 29 -14.88 -6.19 8.21
C LEU D 29 -13.95 -5.92 9.38
N GLN D 30 -12.96 -5.08 9.12
CA GLN D 30 -11.97 -4.71 10.10
C GLN D 30 -11.96 -3.19 10.25
N ILE D 31 -12.11 -2.72 11.49
CA ILE D 31 -12.11 -1.28 11.78
C ILE D 31 -10.97 -0.99 12.75
N THR D 32 -10.10 -0.05 12.36
CA THR D 32 -8.98 0.38 13.20
C THR D 32 -9.24 1.74 13.82
N VAL D 33 -8.94 1.85 15.11
CA VAL D 33 -9.05 3.11 15.82
C VAL D 33 -7.66 3.39 16.38
N ASN D 34 -7.01 4.41 15.85
CA ASN D 34 -5.66 4.75 16.26
C ASN D 34 -5.67 6.10 16.96
N GLY D 35 -5.12 6.14 18.16
CA GLY D 35 -5.19 7.35 18.97
C GLY D 35 -4.31 7.33 20.21
N THR D 36 -4.64 8.18 21.17
CA THR D 36 -3.82 8.37 22.35
C THR D 36 -4.76 8.60 23.52
N VAL D 37 -4.50 7.92 24.64
CA VAL D 37 -5.29 8.18 25.85
C VAL D 37 -4.72 9.45 26.46
N LEU D 38 -5.61 10.38 26.81
CA LEU D 38 -5.15 11.66 27.37
C LEU D 38 -4.58 11.42 28.76
N SER D 39 -3.60 12.22 29.15
CA SER D 39 -2.90 11.95 30.42
C SER D 39 -3.59 12.49 31.67
N SER D 40 -4.17 13.66 31.60
CA SER D 40 -4.76 14.28 32.79
C SER D 40 -6.14 14.86 32.54
N SER D 41 -6.99 14.05 31.92
CA SER D 41 -8.39 14.33 31.81
C SER D 41 -9.08 13.33 32.73
N GLY D 42 -10.14 12.71 32.23
CA GLY D 42 -10.85 11.74 33.01
C GLY D 42 -10.27 10.35 32.93
N THR D 43 -11.06 9.39 33.40
CA THR D 43 -10.59 8.03 33.57
C THR D 43 -11.26 7.08 32.60
N ARG D 44 -12.04 7.59 31.64
CA ARG D 44 -12.76 6.71 30.74
C ARG D 44 -12.76 7.16 29.29
N PHE D 45 -12.75 6.19 28.38
CA PHE D 45 -13.10 6.44 26.99
C PHE D 45 -13.90 5.27 26.47
N ALA D 46 -14.60 5.48 25.35
CA ALA D 46 -15.39 4.42 24.75
C ALA D 46 -15.35 4.43 23.24
N VAL D 47 -15.37 3.23 22.65
CA VAL D 47 -15.66 3.07 21.24
C VAL D 47 -17.01 2.35 21.17
N ASN D 48 -17.95 2.95 20.44
CA ASN D 48 -19.31 2.42 20.27
C ASN D 48 -19.63 2.07 18.84
N PHE D 49 -20.15 0.88 18.63
CA PHE D 49 -20.66 0.46 17.34
C PHE D 49 -22.18 0.48 17.46
N GLN D 50 -22.81 1.43 16.79
CA GLN D 50 -24.21 1.71 17.03
C GLN D 50 -25.04 1.87 15.77
N THR D 51 -26.35 1.95 15.98
CA THR D 51 -27.32 2.15 14.92
C THR D 51 -27.77 3.59 15.00
N GLY D 52 -27.40 4.40 14.00
CA GLY D 52 -27.74 5.82 14.00
C GLY D 52 -27.01 6.64 15.04
N PHE D 53 -27.52 7.85 15.29
CA PHE D 53 -26.83 8.83 16.14
C PHE D 53 -27.40 8.98 17.56
N SER D 54 -28.49 8.26 17.85
CA SER D 54 -29.18 8.41 19.14
C SER D 54 -28.32 7.97 20.33
N GLY D 55 -27.57 6.89 20.16
CA GLY D 55 -26.79 6.32 21.25
C GLY D 55 -27.63 5.43 22.15
N ASN D 56 -28.90 5.26 21.80
CA ASN D 56 -29.77 4.34 22.53
C ASN D 56 -29.68 2.90 22.05
N ASP D 57 -29.16 2.71 20.85
CA ASP D 57 -28.93 1.38 20.29
C ASP D 57 -27.49 1.16 19.94
N ILE D 58 -26.73 0.63 20.90
CA ILE D 58 -25.29 0.38 20.75
C ILE D 58 -25.05 -1.12 20.77
N ALA D 59 -24.73 -1.69 19.62
CA ALA D 59 -24.52 -3.12 19.52
C ALA D 59 -23.33 -3.56 20.40
N PHE D 60 -22.28 -2.75 20.40
CA PHE D 60 -21.03 -3.08 21.11
C PHE D 60 -20.42 -1.79 21.62
N HIS D 61 -20.41 -1.67 22.95
CA HIS D 61 -19.80 -0.59 23.73
C HIS D 61 -18.49 -1.15 24.33
N PHE D 62 -17.37 -0.58 23.94
CA PHE D 62 -16.05 -1.03 24.43
C PHE D 62 -15.48 0.11 25.27
N ASN D 63 -15.36 -0.11 26.58
CA ASN D 63 -15.20 1.01 27.52
C ASN D 63 -14.08 0.81 28.57
N PRO D 64 -12.84 1.16 28.20
CA PRO D 64 -11.76 1.19 29.22
C PRO D 64 -12.00 2.20 30.34
N ARG D 65 -11.77 1.76 31.58
CA ARG D 65 -11.94 2.63 32.76
C ARG D 65 -10.69 2.51 33.66
N PHE D 66 -9.99 3.63 33.84
CA PHE D 66 -8.80 3.72 34.68
C PHE D 66 -9.21 3.95 36.14
N GLU D 67 -9.87 2.93 36.69
CA GLU D 67 -10.47 2.91 38.03
C GLU D 67 -10.58 1.40 38.28
N ASP D 68 -10.84 0.90 39.48
CA ASP D 68 -10.02 0.98 40.64
C ASP D 68 -9.12 -0.23 40.27
N GLY D 69 -7.90 0.06 39.83
CA GLY D 69 -6.99 -0.98 39.36
C GLY D 69 -6.94 -1.08 37.84
N GLY D 70 -7.97 -0.55 37.17
CA GLY D 70 -8.02 -0.56 35.70
C GLY D 70 -8.82 -1.76 35.22
N TYR D 71 -9.87 -1.51 34.44
CA TYR D 71 -10.67 -2.58 33.83
C TYR D 71 -11.36 -2.10 32.56
N VAL D 72 -11.78 -3.04 31.72
CA VAL D 72 -12.51 -2.66 30.51
C VAL D 72 -13.92 -3.24 30.58
N VAL D 73 -14.90 -2.41 30.27
CA VAL D 73 -16.30 -2.85 30.23
C VAL D 73 -16.73 -3.10 28.79
N CYS D 74 -17.38 -4.23 28.55
CA CYS D 74 -18.05 -4.46 27.28
C CYS D 74 -19.54 -4.63 27.55
N ASN D 75 -20.38 -3.97 26.74
CA ASN D 75 -21.83 -4.07 26.92
C ASN D 75 -22.56 -3.74 25.60
N THR D 76 -23.88 -3.88 25.65
CA THR D 76 -24.77 -3.58 24.55
C THR D 76 -25.89 -2.75 25.13
N ARG D 77 -26.29 -1.70 24.41
CA ARG D 77 -27.44 -0.87 24.78
C ARG D 77 -28.55 -1.09 23.75
N GLN D 78 -29.76 -1.32 24.25
CA GLN D 78 -30.89 -1.68 23.39
C GLN D 78 -32.11 -0.93 23.83
N ASN D 79 -32.70 -0.17 22.90
CA ASN D 79 -33.87 0.63 23.22
C ASN D 79 -33.60 1.46 24.47
N GLY D 80 -32.35 1.92 24.60
CA GLY D 80 -31.96 2.80 25.70
C GLY D 80 -31.58 2.13 27.01
N SER D 81 -31.45 0.80 27.00
CA SER D 81 -31.14 0.04 28.21
C SER D 81 -29.87 -0.79 28.08
N TRP D 82 -29.00 -0.68 29.08
CA TRP D 82 -27.76 -1.49 29.15
C TRP D 82 -28.02 -2.94 29.59
N GLY D 83 -27.37 -3.89 28.92
CA GLY D 83 -27.45 -5.29 29.31
C GLY D 83 -26.47 -5.62 30.43
N PRO D 84 -26.20 -6.93 30.65
CA PRO D 84 -25.17 -7.32 31.63
C PRO D 84 -23.74 -7.06 31.12
N GLU D 85 -22.94 -6.43 31.97
CA GLU D 85 -21.58 -6.05 31.61
C GLU D 85 -20.64 -7.25 31.60
N GLU D 86 -19.75 -7.25 30.62
CA GLU D 86 -18.61 -8.13 30.60
C GLU D 86 -17.41 -7.27 30.96
N ARG D 87 -16.77 -7.58 32.08
CA ARG D 87 -15.59 -6.84 32.54
C ARG D 87 -14.30 -7.66 32.48
N LYS D 88 -13.24 -7.02 32.01
CA LYS D 88 -11.91 -7.63 31.98
C LYS D 88 -11.05 -6.76 32.89
N THR D 89 -10.44 -7.33 33.93
CA THR D 89 -9.73 -6.49 34.93
C THR D 89 -8.26 -6.28 34.57
N HIS D 90 -7.92 -6.52 33.30
CA HIS D 90 -6.63 -6.18 32.73
C HIS D 90 -6.83 -4.97 31.82
N MET D 91 -6.03 -3.94 32.08
CA MET D 91 -6.05 -2.69 31.32
C MET D 91 -4.87 -2.61 30.33
N PRO D 92 -5.12 -2.83 29.03
CA PRO D 92 -4.09 -2.87 27.98
C PRO D 92 -3.68 -1.49 27.46
N PHE D 93 -4.26 -0.43 28.02
CA PHE D 93 -4.01 0.96 27.63
C PHE D 93 -3.30 1.67 28.81
N GLN D 94 -2.69 2.82 28.55
CA GLN D 94 -2.10 3.64 29.60
C GLN D 94 -2.37 5.11 29.34
N LYS D 95 -2.62 5.86 30.41
CA LYS D 95 -2.81 7.30 30.31
C LYS D 95 -1.59 7.94 29.66
N GLY D 96 -1.86 8.79 28.67
CA GLY D 96 -0.84 9.52 27.95
C GLY D 96 -0.18 8.74 26.83
N MET D 97 -0.64 7.52 26.56
CA MET D 97 0.05 6.64 25.64
C MET D 97 -0.73 6.32 24.38
N PRO D 98 -0.02 6.20 23.23
CA PRO D 98 -0.72 5.85 21.98
C PRO D 98 -1.22 4.40 21.97
N PHE D 99 -2.25 4.14 21.16
CA PHE D 99 -2.75 2.78 20.98
C PHE D 99 -3.21 2.53 19.56
N ASP D 100 -3.24 1.26 19.21
CA ASP D 100 -3.90 0.83 18.01
C ASP D 100 -4.95 -0.21 18.40
N LEU D 101 -6.19 0.11 18.12
CA LEU D 101 -7.32 -0.71 18.48
C LEU D 101 -7.96 -1.25 17.20
N CYS D 102 -8.06 -2.57 17.08
CA CYS D 102 -8.61 -3.17 15.86
C CYS D 102 -9.77 -4.10 16.19
N PHE D 103 -10.92 -3.82 15.57
CA PHE D 103 -12.15 -4.59 15.76
C PHE D 103 -12.41 -5.42 14.51
N LEU D 104 -12.44 -6.75 14.66
CA LEU D 104 -12.77 -7.65 13.54
C LEU D 104 -14.16 -8.20 13.76
N VAL D 105 -15.06 -7.94 12.81
CA VAL D 105 -16.41 -8.47 12.87
C VAL D 105 -16.39 -9.94 12.37
N GLN D 106 -16.74 -10.87 13.26
CA GLN D 106 -16.88 -12.27 12.87
C GLN D 106 -18.35 -12.71 13.05
N SER D 107 -18.70 -13.96 12.70
CA SER D 107 -20.13 -14.32 12.66
C SER D 107 -20.81 -14.37 14.02
N SER D 108 -20.07 -14.88 15.01
CA SER D 108 -20.60 -15.04 16.37
C SER D 108 -20.21 -13.90 17.29
N ASP D 109 -19.15 -13.18 16.95
CA ASP D 109 -18.61 -12.18 17.86
C ASP D 109 -17.72 -11.13 17.17
N PHE D 110 -17.40 -10.06 17.91
CA PHE D 110 -16.29 -9.18 17.55
C PHE D 110 -15.02 -9.78 18.17
N LYS D 111 -13.90 -9.66 17.46
CA LYS D 111 -12.58 -9.85 18.05
C LYS D 111 -11.92 -8.47 18.21
N VAL D 112 -11.30 -8.24 19.35
CA VAL D 112 -10.70 -6.95 19.66
C VAL D 112 -9.22 -7.14 19.90
N MET D 113 -8.40 -6.53 19.05
CA MET D 113 -6.96 -6.56 19.21
C MET D 113 -6.46 -5.19 19.67
N VAL D 114 -5.56 -5.21 20.66
CA VAL D 114 -4.97 -3.98 21.18
C VAL D 114 -3.47 -4.08 20.97
N ASN D 115 -2.94 -3.14 20.19
CA ASN D 115 -1.52 -3.04 19.84
C ASN D 115 -1.03 -4.34 19.20
N GLY D 116 -1.86 -4.86 18.30
CA GLY D 116 -1.57 -6.08 17.54
C GLY D 116 -1.75 -7.38 18.30
N ILE D 117 -2.25 -7.32 19.54
CA ILE D 117 -2.48 -8.53 20.35
C ILE D 117 -3.97 -8.70 20.67
N LEU D 118 -4.50 -9.91 20.45
CA LEU D 118 -5.89 -10.19 20.85
C LEU D 118 -6.12 -9.89 22.32
N PHE D 119 -7.16 -9.11 22.60
CA PHE D 119 -7.46 -8.70 23.97
C PHE D 119 -8.78 -9.31 24.47
N VAL D 120 -9.87 -9.07 23.77
CA VAL D 120 -11.15 -9.67 24.12
C VAL D 120 -11.95 -10.10 22.91
N GLN D 121 -12.96 -10.93 23.16
CA GLN D 121 -14.04 -11.11 22.21
C GLN D 121 -15.33 -10.60 22.85
N TYR D 122 -16.35 -10.42 22.01
CA TYR D 122 -17.66 -10.02 22.49
C TYR D 122 -18.70 -10.67 21.60
N PHE D 123 -19.50 -11.58 22.16
CA PHE D 123 -20.54 -12.23 21.35
C PHE D 123 -21.62 -11.22 20.96
N HIS D 124 -22.05 -11.26 19.71
CA HIS D 124 -23.14 -10.39 19.26
C HIS D 124 -24.40 -10.63 20.09
N ARG D 125 -24.99 -9.54 20.58
CA ARG D 125 -26.26 -9.62 21.30
C ARG D 125 -27.40 -9.17 20.40
N VAL D 126 -27.09 -8.25 19.48
CA VAL D 126 -28.03 -7.81 18.43
C VAL D 126 -27.37 -8.08 17.06
N PRO D 127 -28.17 -8.09 15.97
CA PRO D 127 -27.61 -8.28 14.61
C PRO D 127 -26.63 -7.17 14.21
N PHE D 128 -25.43 -7.55 13.80
CA PHE D 128 -24.41 -6.55 13.49
C PHE D 128 -24.64 -5.77 12.20
N HIS D 129 -25.40 -6.35 11.27
CA HIS D 129 -25.67 -5.70 9.98
C HIS D 129 -26.42 -4.37 10.13
N ARG D 130 -27.08 -4.16 11.28
CA ARG D 130 -27.81 -2.92 11.58
C ARG D 130 -26.93 -1.81 12.15
N VAL D 131 -25.66 -2.13 12.42
CA VAL D 131 -24.71 -1.13 12.86
C VAL D 131 -24.17 -0.37 11.66
N ASP D 132 -24.35 0.95 11.67
CA ASP D 132 -23.89 1.80 10.58
C ASP D 132 -23.09 3.02 11.08
N THR D 133 -22.78 3.05 12.37
CA THR D 133 -22.11 4.23 12.95
C THR D 133 -21.02 3.79 13.93
N ILE D 134 -19.84 4.41 13.83
CA ILE D 134 -18.82 4.26 14.89
C ILE D 134 -18.72 5.55 15.70
N SER D 135 -18.81 5.45 17.02
CA SER D 135 -18.69 6.63 17.89
C SER D 135 -17.55 6.49 18.91
N VAL D 136 -16.80 7.55 19.12
CA VAL D 136 -15.72 7.53 20.11
C VAL D 136 -15.92 8.73 21.02
N ASN D 137 -15.87 8.50 22.33
CA ASN D 137 -15.99 9.58 23.29
C ASN D 137 -15.08 9.40 24.50
N GLY D 138 -14.93 10.46 25.29
CA GLY D 138 -14.19 10.37 26.51
C GLY D 138 -12.77 10.89 26.40
N SER D 139 -11.90 10.31 27.23
CA SER D 139 -10.56 10.88 27.53
C SER D 139 -9.50 10.35 26.58
N VAL D 140 -9.75 10.59 25.30
CA VAL D 140 -8.88 10.15 24.22
C VAL D 140 -8.82 11.26 23.15
N GLN D 141 -7.73 11.27 22.38
CA GLN D 141 -7.72 11.97 21.10
C GLN D 141 -7.42 10.93 20.01
N LEU D 142 -7.87 11.21 18.80
CA LEU D 142 -7.79 10.26 17.69
C LEU D 142 -6.87 10.75 16.60
N SER D 143 -6.09 9.84 16.05
CA SER D 143 -5.29 10.08 14.84
C SER D 143 -6.07 9.66 13.59
N TYR D 144 -6.66 8.46 13.64
CA TYR D 144 -7.53 8.01 12.55
C TYR D 144 -8.44 6.85 12.92
N ILE D 145 -9.51 6.72 12.13
CA ILE D 145 -10.37 5.55 12.08
C ILE D 145 -10.36 5.06 10.63
N SER D 146 -10.03 3.78 10.44
CA SER D 146 -9.98 3.23 9.08
C SER D 146 -10.78 1.93 8.98
N PHE D 147 -11.10 1.56 7.74
CA PHE D 147 -11.94 0.39 7.46
C PHE D 147 -11.25 -0.50 6.44
C1 NAG E . 28.48 18.36 13.37
C2 NAG E . 27.20 19.20 13.36
C3 NAG E . 25.97 18.26 13.37
C4 NAG E . 26.09 17.19 12.27
C5 NAG E . 27.48 16.51 12.32
C6 NAG E . 27.72 15.42 11.26
C7 NAG E . 27.59 21.40 14.38
C8 NAG E . 27.49 22.26 15.62
N2 NAG E . 27.17 20.13 14.49
O1 NAG E . 29.61 19.22 13.35
O3 NAG E . 24.79 19.05 13.25
O4 NAG E . 25.12 16.28 12.30
O5 NAG E . 28.50 17.50 12.23
O6 NAG E . 27.59 15.95 9.97
O7 NAG E . 28.04 21.90 13.34
C1 GAL E . 24.47 15.96 11.09
C2 GAL E . 23.69 14.65 11.30
C3 GAL E . 22.78 14.31 10.11
C4 GAL E . 21.93 15.54 9.78
C5 GAL E . 22.82 16.79 9.58
C6 GAL E . 22.00 18.03 9.25
O2 GAL E . 24.62 13.62 11.53
O3 GAL E . 22.09 13.22 10.51
O4 GAL E . 20.99 15.76 10.82
O5 GAL E . 23.63 17.05 10.72
O6 GAL E . 22.87 19.11 9.05
C1 NAG E . 22.12 12.11 9.64
C2 NAG E . 21.75 10.89 10.45
C3 NAG E . 21.71 9.69 9.53
C4 NAG E . 20.85 9.93 8.28
C5 NAG E . 20.86 11.35 7.64
C6 NAG E . 19.49 11.73 6.99
C7 NAG E . 22.45 11.01 12.82
C8 NAG E . 23.55 10.79 13.82
N2 NAG E . 22.68 10.63 11.55
O3 NAG E . 21.15 8.60 10.23
O4 NAG E . 21.27 8.96 7.35
O5 NAG E . 21.22 12.38 8.56
O6 NAG E . 18.37 11.92 7.89
O7 NAG E . 21.38 11.53 13.19
C1 GAL E . 20.13 8.19 6.93
C2 GAL E . 20.60 7.37 5.73
C3 GAL E . 19.57 6.33 5.31
C4 GAL E . 19.03 5.57 6.53
C5 GAL E . 18.54 6.53 7.61
C6 GAL E . 18.05 5.71 8.81
O2 GAL E . 20.84 8.24 4.66
O3 GAL E . 20.14 5.58 4.33
O4 GAL E . 20.07 4.74 7.02
O5 GAL E . 19.58 7.42 7.98
O6 GAL E . 17.93 6.54 9.96
C1 NAG E . 19.21 5.14 3.36
C2 NAG E . 19.89 4.54 2.13
C3 NAG E . 18.83 4.08 1.13
C4 NAG E . 17.74 3.20 1.79
C5 NAG E . 17.26 3.92 3.06
C6 NAG E . 16.12 3.25 3.83
C7 NAG E . 22.04 5.36 1.40
C8 NAG E . 22.85 6.57 1.01
N2 NAG E . 20.74 5.53 1.50
O3 NAG E . 19.44 3.44 0.04
O4 NAG E . 16.68 3.01 0.88
O5 NAG E . 18.37 4.13 3.91
O6 NAG E . 16.55 2.04 4.40
O7 NAG E . 22.57 4.25 1.60
C1 GAL E . 16.30 1.62 0.76
C2 GAL E . 14.88 1.54 0.20
C3 GAL E . 14.44 0.07 0.13
C4 GAL E . 15.46 -0.76 -0.65
C5 GAL E . 16.88 -0.55 -0.08
C6 GAL E . 17.92 -1.32 -0.90
O2 GAL E . 13.95 2.32 0.95
O3 GAL E . 13.16 -0.03 -0.44
O4 GAL E . 15.42 -0.40 -2.03
O5 GAL E . 17.21 0.84 -0.02
O6 GAL E . 19.20 -1.11 -0.37
C1 NAG F . 33.45 0.42 -14.83
C2 NAG F . 32.18 1.26 -14.83
C3 NAG F . 30.94 0.36 -14.70
C4 NAG F . 30.99 -0.67 -15.85
C5 NAG F . 32.34 -1.41 -15.80
C6 NAG F . 32.50 -2.46 -16.90
C7 NAG F . 32.56 3.52 -14.03
C8 NAG F . 32.69 4.45 -12.87
N2 NAG F . 32.21 2.26 -13.76
O1 NAG F . 34.57 1.27 -14.99
O3 NAG F . 29.78 1.17 -14.74
O4 NAG F . 30.01 -1.55 -15.60
O5 NAG F . 33.40 -0.47 -15.93
O6 NAG F . 32.37 -1.78 -18.11
O7 NAG F . 32.78 3.93 -15.18
C1 GAL F . 29.27 -1.90 -16.76
C2 GAL F . 28.46 -3.16 -16.48
C3 GAL F . 27.54 -3.47 -17.65
C4 GAL F . 26.71 -2.23 -18.03
C5 GAL F . 27.63 -1.03 -18.26
C6 GAL F . 26.88 0.27 -18.57
O2 GAL F . 29.35 -4.23 -16.21
O3 GAL F . 26.75 -4.50 -17.26
O4 GAL F . 25.87 -1.98 -16.93
O5 GAL F . 28.44 -0.81 -17.12
O6 GAL F . 27.80 1.27 -18.94
C1 NAG F . 26.69 -5.68 -18.07
C2 NAG F . 26.43 -6.89 -17.18
C3 NAG F . 26.28 -8.15 -18.03
C4 NAG F . 25.27 -7.95 -19.17
C5 NAG F . 25.39 -6.60 -19.92
C6 NAG F . 24.04 -6.29 -20.66
C7 NAG F . 27.35 -6.67 -14.91
C8 NAG F . 28.48 -6.93 -13.98
N2 NAG F . 27.49 -7.07 -16.18
O3 NAG F . 25.77 -9.20 -17.23
O4 NAG F . 25.44 -9.00 -20.09
O5 NAG F . 25.68 -5.51 -19.05
O6 NAG F . 23.04 -5.94 -19.68
O7 NAG F . 26.34 -6.10 -14.48
C1 GAL F . 24.29 -9.85 -20.18
C2 GAL F . 24.61 -10.83 -21.30
C3 GAL F . 23.51 -11.87 -21.44
C4 GAL F . 23.25 -12.53 -20.09
C5 GAL F . 22.89 -11.48 -19.06
C6 GAL F . 22.59 -12.21 -17.76
O2 GAL F . 24.77 -10.15 -22.53
O3 GAL F . 23.76 -12.83 -22.31
O4 GAL F . 24.43 -13.22 -19.68
O5 GAL F . 23.96 -10.54 -18.97
O6 GAL F . 22.36 -11.30 -16.72
C1 NAG F . 22.71 -13.09 -23.22
C2 NAG F . 23.19 -14.11 -24.24
C3 NAG F . 22.07 -14.56 -25.18
C4 NAG F . 20.76 -14.86 -24.45
C5 NAG F . 20.45 -13.73 -23.44
C6 NAG F . 19.12 -13.90 -22.72
C7 NAG F . 25.51 -14.12 -24.96
C8 NAG F . 26.59 -13.50 -25.81
N2 NAG F . 24.29 -13.57 -25.01
O3 NAG F . 22.49 -15.71 -25.86
O4 NAG F . 19.72 -14.97 -25.39
O5 NAG F . 21.55 -13.57 -22.56
O6 NAG F . 19.24 -14.69 -21.56
O7 NAG F . 25.76 -15.10 -24.28
C1 GAL F . 19.25 -16.34 -25.51
C2 GAL F . 17.84 -16.28 -26.10
C3 GAL F . 17.30 -17.68 -26.40
C4 GAL F . 18.33 -18.49 -27.20
C5 GAL F . 19.67 -18.50 -26.46
C6 GAL F . 20.70 -19.32 -27.23
O2 GAL F . 16.96 -15.64 -25.21
O3 GAL F . 16.11 -17.57 -27.16
O4 GAL F . 18.49 -17.91 -28.47
O5 GAL F . 20.11 -17.16 -26.30
O6 GAL F . 21.78 -19.68 -26.38
C1 GAL G . -22.89 -20.30 11.19
C2 GAL G . -21.74 -20.33 10.17
C3 GAL G . -21.38 -18.95 9.58
C4 GAL G . -22.61 -18.06 9.39
C5 GAL G . -23.49 -18.12 10.64
C6 GAL G . -24.64 -17.10 10.63
O1 GAL G . -23.41 -21.60 11.38
O2 GAL G . -20.60 -20.86 10.82
O3 GAL G . -20.50 -18.96 8.58
O4 GAL G . -23.34 -18.47 8.25
O5 GAL G . -23.93 -19.45 10.74
O6 GAL G . -25.78 -17.68 10.04
C1 NAG G . -19.74 -17.81 8.27
C2 NAG G . -18.39 -18.21 7.67
C3 NAG G . -17.66 -16.95 7.17
C4 NAG G . -18.56 -16.07 6.30
C5 NAG G . -19.89 -15.79 7.01
C6 NAG G . -20.87 -14.97 6.18
C7 NAG G . -17.58 -20.35 8.64
C8 NAG G . -16.94 -20.99 9.83
N2 NAG G . -17.58 -19.00 8.59
O3 NAG G . -16.49 -17.34 6.48
O4 NAG G . -17.93 -14.98 5.78
O5 NAG G . -20.51 -17.01 7.38
O6 NAG G . -21.35 -15.78 5.12
O7 NAG G . -18.07 -21.08 7.78
C1 GAL G . -18.11 -14.78 4.40
C2 GAL G . -17.58 -13.41 3.95
C3 GAL G . -17.75 -13.28 2.43
C4 GAL G . -17.14 -14.49 1.72
C5 GAL G . -17.74 -15.78 2.28
C6 GAL G . -17.19 -17.05 1.65
O2 GAL G . -18.27 -12.37 4.62
O3 GAL G . -17.04 -12.18 2.12
O4 GAL G . -15.74 -14.47 1.94
O5 GAL G . -17.51 -15.85 3.68
O6 GAL G . -17.83 -18.14 2.26
C1 NAG G . -17.54 -11.31 1.11
C2 NAG G . -17.08 -9.85 1.20
C3 NAG G . -17.86 -9.06 0.15
C4 NAG G . -17.68 -9.68 -1.24
C5 NAG G . -17.87 -11.21 -1.23
C6 NAG G . -17.44 -11.82 -2.56
C7 NAG G . -16.33 -9.01 3.36
C8 NAG G . -16.70 -8.13 4.51
N2 NAG G . -17.31 -9.26 2.50
O3 NAG G . -17.42 -7.72 0.16
O4 NAG G . -18.61 -9.11 -2.14
O5 NAG G . -17.14 -11.79 -0.16
O6 NAG G . -16.08 -11.53 -2.82
O7 NAG G . -15.19 -9.46 3.27
C1 GAL G . -17.99 -8.37 -3.21
C2 GAL G . -19.09 -8.18 -4.26
C3 GAL G . -18.67 -7.21 -5.36
C4 GAL G . -18.13 -5.92 -4.75
C5 GAL G . -16.99 -6.26 -3.79
C6 GAL G . -16.43 -4.98 -3.17
O2 GAL G . -19.41 -9.44 -4.83
O3 GAL G . -19.77 -6.92 -6.19
O4 GAL G . -19.19 -5.27 -4.06
O5 GAL G . -17.42 -7.14 -2.77
O6 GAL G . -15.13 -5.21 -2.66
C1 NAG H . -24.09 0.19 37.24
C2 NAG H . -22.77 -0.27 36.61
C3 NAG H . -22.19 0.83 35.71
C4 NAG H . -23.23 1.41 34.74
C5 NAG H . -24.52 1.72 35.54
C6 NAG H . -25.65 2.36 34.72
C7 NAG H . -21.68 -1.92 38.05
C8 NAG H . -20.84 -2.13 39.27
N2 NAG H . -21.81 -0.65 37.63
O1 NAG H . -24.67 -0.84 38.03
O3 NAG H . -21.06 0.35 35.02
O4 NAG H . -22.56 2.42 34.14
O5 NAG H . -25.00 0.56 36.22
O6 NAG H . -25.94 1.56 33.59
O7 NAG H . -22.20 -2.88 37.48
C1 GAL H . -22.78 2.49 32.76
C2 GAL H . -22.33 3.86 32.26
C3 GAL H . -22.34 3.96 30.74
C4 GAL H . -21.71 2.72 30.11
C5 GAL H . -22.31 1.45 30.72
C6 GAL H . -21.77 0.18 30.11
O2 GAL H . -23.14 4.85 32.83
O3 GAL H . -21.78 5.08 30.25
O4 GAL H . -20.30 2.73 30.28
O5 GAL H . -22.06 1.45 32.12
O6 GAL H . -22.29 -0.93 30.82
C1 NAG H . -22.38 5.86 29.22
C2 NAG H . -21.95 7.30 29.36
C3 NAG H . -22.69 8.11 28.28
C4 NAG H . -22.43 7.55 26.88
C5 NAG H . -22.60 6.02 26.83
C6 NAG H . -22.03 5.41 25.54
C7 NAG H . -21.38 7.94 31.68
C8 NAG H . -21.95 8.52 32.95
N2 NAG H . -22.25 7.81 30.69
O3 NAG H . -22.30 9.47 28.36
O4 NAG H . -23.37 8.12 25.98
O5 NAG H . -21.95 5.40 27.95
O6 NAG H . -20.67 5.77 25.43
O7 NAG H . -20.18 7.63 31.63
C1 GAL H . -22.74 8.85 24.92
C2 GAL H . -23.79 9.09 23.82
C3 GAL H . -23.35 10.15 22.80
C4 GAL H . -22.68 11.36 23.47
C5 GAL H . -21.59 10.89 24.43
C6 GAL H . -20.93 12.07 25.14
O2 GAL H . -24.09 7.88 23.13
O3 GAL H . -24.48 10.56 22.06
O4 GAL H . -23.65 12.10 24.18
O5 GAL H . -22.16 10.04 25.41
O6 GAL H . -19.54 11.82 25.21
C4 RPN I . 30.66 18.75 14.04
C8 RPN I . 31.57 19.72 14.46
C9 RPN I . 32.77 19.32 15.05
C10 RPN I . 33.08 17.97 15.20
C11 RPN I . 32.17 16.99 14.78
C12 RPN I . 30.97 17.40 14.19
N13 RPN I . 34.30 17.58 15.79
O14 RPN I . 35.03 18.44 16.26
O15 RPN I . 34.65 16.39 15.86
C4 RPN J . 35.73 0.87 -14.48
C8 RPN J . 36.52 1.99 -14.20
C9 RPN J . 37.79 1.81 -13.66
C10 RPN J . 38.27 0.53 -13.40
C11 RPN J . 37.48 -0.58 -13.69
C12 RPN J . 36.21 -0.41 -14.24
N13 RPN J . 39.56 0.35 -12.85
O14 RPN J . 40.15 1.33 -12.41
O15 RPN J . 40.04 -0.77 -12.78
#